data_3FJ4
#
_entry.id   3FJ4
#
_cell.length_a   131.119
_cell.length_b   131.119
_cell.length_c   109.000
_cell.angle_alpha   90.00
_cell.angle_beta   90.00
_cell.angle_gamma   90.00
#
_symmetry.space_group_name_H-M   'P 4 21 2'
#
loop_
_entity.id
_entity.type
_entity.pdbx_description
1 polymer 'Muconate cycloisomerase'
2 non-polymer '[(2S)-5-oxo-2,5-dihydrofuran-2-yl]acetic acid'
3 non-polymer 'MAGNESIUM ION'
4 water water
#
_entity_poly.entity_id   1
_entity_poly.type   'polypeptide(L)'
_entity_poly.pdbx_seq_one_letter_code
;MSLHASAIESIETIIVDLPTIRPHKLAMHTMQNQTLVLIRLRCADGIEGLGESTTIGGLAYGNESPDSIKTNIDRFVAPL
LIGQDASNINAAMLRLEQSIRGNTFAKSGIESALLDAQGKRLGLPVSELLGGRVRDALPVAWTLASGDTAKDIAEAQKML
DLRRHRIFKLKIGAGEVDRDLAHVIAIKKALGDSASVRVDVNQAWDEAVALRACRILGGNGIDLIEQPISRNNRAGMVRL
NASSPAPIMADESIECVEDAFNLAREGAASVFALKIAKNGGPRATLRTAAIAEAAGIGLYGGTMLEGGIGTLASAHAFLT
LNKLSWDTELFGPLLLTEDILAEPPVYRDFHLHVSKAPGLGLSLDEERLAFFRREGHHHHHH
;
_entity_poly.pdbx_strand_id   A,B
#
loop_
_chem_comp.id
_chem_comp.type
_chem_comp.name
_chem_comp.formula
MG non-polymer 'MAGNESIUM ION' 'Mg 2'
MUC non-polymer '[(2S)-5-oxo-2,5-dihydrofuran-2-yl]acetic acid' 'C6 H6 O4'
#
# COMPACT_ATOMS: atom_id res chain seq x y z
N HIS A 4 -6.44 -26.86 -19.45
CA HIS A 4 -6.05 -26.25 -20.74
C HIS A 4 -4.60 -26.62 -21.07
N ALA A 5 -4.30 -26.66 -22.37
CA ALA A 5 -2.97 -27.02 -22.84
C ALA A 5 -1.88 -26.07 -22.31
N SER A 6 -2.28 -24.84 -21.99
CA SER A 6 -1.34 -23.84 -21.50
C SER A 6 -1.50 -23.59 -20.01
N ALA A 7 -2.04 -24.57 -19.30
CA ALA A 7 -2.24 -24.41 -17.86
C ALA A 7 -0.93 -24.07 -17.15
N ILE A 8 -1.01 -23.20 -16.16
CA ILE A 8 0.17 -22.82 -15.39
C ILE A 8 0.44 -23.98 -14.44
N GLU A 9 1.66 -24.50 -14.46
CA GLU A 9 1.98 -25.62 -13.59
C GLU A 9 2.78 -25.22 -12.37
N SER A 10 3.62 -24.20 -12.51
CA SER A 10 4.41 -23.76 -11.37
C SER A 10 4.86 -22.31 -11.50
N ILE A 11 5.07 -21.70 -10.34
CA ILE A 11 5.53 -20.32 -10.26
C ILE A 11 6.59 -20.27 -9.18
N GLU A 12 7.82 -19.95 -9.57
CA GLU A 12 8.92 -19.86 -8.62
C GLU A 12 9.39 -18.42 -8.53
N THR A 13 9.64 -17.96 -7.31
CA THR A 13 10.14 -16.62 -7.09
C THR A 13 11.53 -16.76 -6.49
N ILE A 14 12.49 -16.05 -7.08
CA ILE A 14 13.87 -16.12 -6.62
C ILE A 14 14.41 -14.72 -6.36
N ILE A 15 14.90 -14.49 -5.15
CA ILE A 15 15.47 -13.19 -4.80
C ILE A 15 16.95 -13.21 -5.20
N VAL A 16 17.35 -12.23 -6.00
CA VAL A 16 18.73 -12.15 -6.45
C VAL A 16 19.38 -10.83 -6.05
N ASP A 17 20.61 -10.93 -5.52
CA ASP A 17 21.36 -9.75 -5.09
C ASP A 17 22.48 -9.50 -6.10
N LEU A 18 22.45 -8.35 -6.76
CA LEU A 18 23.45 -7.99 -7.76
C LEU A 18 24.24 -6.73 -7.41
N PRO A 19 25.51 -6.68 -7.85
CA PRO A 19 26.41 -5.54 -7.59
C PRO A 19 26.16 -4.38 -8.55
N THR A 20 26.40 -3.15 -8.09
CA THR A 20 26.19 -1.96 -8.92
C THR A 20 27.51 -1.23 -9.20
N ILE A 21 27.49 -0.32 -10.17
CA ILE A 21 28.68 0.43 -10.55
C ILE A 21 29.11 1.51 -9.56
N ARG A 22 28.18 1.98 -8.73
CA ARG A 22 28.50 3.02 -7.76
C ARG A 22 27.32 3.34 -6.86
N PRO A 23 27.58 3.99 -5.71
CA PRO A 23 26.48 4.33 -4.81
C PRO A 23 25.50 5.23 -5.55
N HIS A 24 24.22 4.96 -5.40
CA HIS A 24 23.18 5.74 -6.05
C HIS A 24 22.42 6.44 -4.92
N LYS A 25 22.63 7.74 -4.77
CA LYS A 25 22.00 8.47 -3.69
C LYS A 25 20.65 9.13 -3.97
N LEU A 26 19.62 8.59 -3.32
CA LEU A 26 18.25 9.10 -3.43
C LEU A 26 18.03 10.00 -2.22
N ALA A 27 17.01 10.85 -2.29
CA ALA A 27 16.71 11.74 -1.19
C ALA A 27 16.44 11.00 0.12
N MET A 28 15.90 9.79 0.02
CA MET A 28 15.59 9.01 1.22
C MET A 28 16.44 7.76 1.43
N HIS A 29 17.34 7.47 0.49
CA HIS A 29 18.15 6.27 0.61
C HIS A 29 19.32 6.22 -0.37
N THR A 30 20.43 5.63 0.07
CA THR A 30 21.61 5.49 -0.78
C THR A 30 21.78 4.01 -1.13
N MET A 31 21.70 3.70 -2.42
CA MET A 31 21.84 2.33 -2.90
C MET A 31 23.31 1.92 -2.99
N GLN A 32 23.62 0.73 -2.49
CA GLN A 32 25.00 0.21 -2.54
C GLN A 32 25.03 -1.02 -3.46
N ASN A 33 23.85 -1.49 -3.85
CA ASN A 33 23.70 -2.65 -4.73
C ASN A 33 22.22 -2.76 -5.07
N GLN A 34 21.83 -3.77 -5.84
CA GLN A 34 20.41 -3.92 -6.20
C GLN A 34 19.94 -5.35 -6.03
N THR A 35 18.68 -5.50 -5.60
CA THR A 35 18.09 -6.80 -5.37
C THR A 35 16.86 -6.95 -6.25
N LEU A 36 16.78 -8.06 -6.97
CA LEU A 36 15.64 -8.31 -7.85
C LEU A 36 14.89 -9.55 -7.40
N VAL A 37 13.65 -9.67 -7.83
CA VAL A 37 12.87 -10.86 -7.53
C VAL A 37 12.52 -11.42 -8.90
N LEU A 38 13.09 -12.58 -9.22
CA LEU A 38 12.83 -13.22 -10.50
C LEU A 38 11.60 -14.11 -10.39
N ILE A 39 10.78 -14.07 -11.43
CA ILE A 39 9.59 -14.90 -11.46
C ILE A 39 9.76 -15.88 -12.62
N ARG A 40 9.67 -17.17 -12.31
CA ARG A 40 9.78 -18.21 -13.33
C ARG A 40 8.42 -18.91 -13.39
N LEU A 41 7.70 -18.69 -14.48
CA LEU A 41 6.37 -19.27 -14.63
C LEU A 41 6.38 -20.30 -15.74
N ARG A 42 6.14 -21.56 -15.39
CA ARG A 42 6.15 -22.65 -16.35
C ARG A 42 4.74 -23.16 -16.69
N CYS A 43 4.50 -23.37 -17.97
CA CYS A 43 3.20 -23.81 -18.45
C CYS A 43 3.21 -25.27 -18.93
N ALA A 44 2.02 -25.85 -19.02
CA ALA A 44 1.85 -27.24 -19.44
C ALA A 44 2.35 -27.52 -20.85
N ASP A 45 2.45 -26.49 -21.69
CA ASP A 45 2.92 -26.70 -23.05
C ASP A 45 4.44 -26.59 -23.16
N GLY A 46 5.12 -26.68 -22.03
CA GLY A 46 6.57 -26.60 -21.99
C GLY A 46 7.19 -25.23 -22.11
N ILE A 47 6.38 -24.18 -22.03
CA ILE A 47 6.91 -22.83 -22.14
C ILE A 47 7.12 -22.18 -20.78
N GLU A 48 8.26 -21.51 -20.62
CA GLU A 48 8.56 -20.82 -19.37
C GLU A 48 8.58 -19.32 -19.65
N GLY A 49 7.94 -18.56 -18.76
CA GLY A 49 7.92 -17.12 -18.91
C GLY A 49 8.70 -16.52 -17.77
N LEU A 50 9.44 -15.45 -18.04
CA LEU A 50 10.25 -14.80 -17.02
C LEU A 50 9.74 -13.39 -16.75
N GLY A 51 9.70 -13.03 -15.47
CA GLY A 51 9.25 -11.71 -15.07
C GLY A 51 10.12 -11.20 -13.95
N GLU A 52 10.04 -9.91 -13.66
CA GLU A 52 10.85 -9.31 -12.61
C GLU A 52 10.08 -8.26 -11.79
N SER A 53 10.22 -8.35 -10.47
CA SER A 53 9.59 -7.41 -9.54
C SER A 53 10.77 -6.87 -8.74
N THR A 54 11.08 -5.59 -8.93
CA THR A 54 12.21 -4.99 -8.23
C THR A 54 11.82 -3.63 -7.67
N THR A 55 12.38 -3.29 -6.52
CA THR A 55 12.12 -2.00 -5.90
C THR A 55 13.45 -1.34 -5.51
N ILE A 56 13.40 -0.39 -4.60
CA ILE A 56 14.61 0.31 -4.18
C ILE A 56 14.69 0.44 -2.67
N GLY A 57 15.85 0.09 -2.13
CA GLY A 57 16.10 0.21 -0.71
C GLY A 57 15.22 -0.52 0.28
N GLY A 58 14.81 -1.75 -0.04
CA GLY A 58 13.99 -2.52 0.88
C GLY A 58 12.56 -1.99 0.98
N LEU A 59 12.30 -1.22 2.03
CA LEU A 59 10.98 -0.62 2.23
C LEU A 59 11.10 0.90 2.29
N ALA A 60 12.28 1.42 1.96
CA ALA A 60 12.51 2.85 2.00
C ALA A 60 11.81 3.59 0.86
N TYR A 61 11.48 2.88 -0.21
CA TYR A 61 10.82 3.51 -1.34
C TYR A 61 9.33 3.19 -1.43
N GLY A 62 8.97 1.91 -1.29
CA GLY A 62 7.58 1.51 -1.36
C GLY A 62 7.24 0.51 -0.27
N ASN A 63 5.98 0.13 -0.16
CA ASN A 63 5.57 -0.81 0.88
C ASN A 63 5.88 -2.29 0.60
N GLU A 64 6.36 -2.59 -0.60
CA GLU A 64 6.72 -3.96 -0.95
C GLU A 64 8.23 -4.12 -0.99
N SER A 65 8.76 -5.12 -0.29
CA SER A 65 10.19 -5.38 -0.30
C SER A 65 10.41 -6.63 -1.13
N PRO A 66 11.66 -6.88 -1.58
CA PRO A 66 11.87 -8.09 -2.38
C PRO A 66 11.39 -9.29 -1.56
N ASP A 67 11.63 -9.23 -0.26
CA ASP A 67 11.26 -10.27 0.68
C ASP A 67 9.75 -10.48 0.75
N SER A 68 8.98 -9.41 0.95
CA SER A 68 7.53 -9.55 1.06
C SER A 68 6.89 -9.89 -0.28
N ILE A 69 7.52 -9.49 -1.38
CA ILE A 69 7.01 -9.80 -2.71
C ILE A 69 7.06 -11.32 -2.89
N LYS A 70 8.17 -11.92 -2.50
CA LYS A 70 8.30 -13.37 -2.61
C LYS A 70 7.26 -14.06 -1.72
N THR A 71 7.10 -13.55 -0.50
CA THR A 71 6.14 -14.12 0.45
C THR A 71 4.72 -14.10 -0.09
N ASN A 72 4.27 -12.93 -0.55
CA ASN A 72 2.91 -12.80 -1.06
C ASN A 72 2.67 -13.54 -2.38
N ILE A 73 3.66 -13.59 -3.25
CA ILE A 73 3.47 -14.34 -4.49
C ILE A 73 3.38 -15.84 -4.17
N ASP A 74 4.34 -16.34 -3.39
CA ASP A 74 4.34 -17.77 -3.03
C ASP A 74 3.11 -18.21 -2.25
N ARG A 75 2.69 -17.39 -1.31
CA ARG A 75 1.55 -17.71 -0.45
C ARG A 75 0.15 -17.40 -0.98
N PHE A 76 0.03 -16.40 -1.84
CA PHE A 76 -1.28 -16.02 -2.35
C PHE A 76 -1.49 -15.99 -3.86
N VAL A 77 -0.50 -15.54 -4.62
CA VAL A 77 -0.62 -15.48 -6.07
C VAL A 77 -0.50 -16.85 -6.72
N ALA A 78 0.52 -17.61 -6.31
CA ALA A 78 0.74 -18.93 -6.87
C ALA A 78 -0.51 -19.81 -6.80
N PRO A 79 -1.09 -19.99 -5.60
CA PRO A 79 -2.29 -20.80 -5.43
C PRO A 79 -3.45 -20.40 -6.34
N LEU A 80 -3.58 -19.09 -6.59
CA LEU A 80 -4.65 -18.59 -7.44
C LEU A 80 -4.43 -18.90 -8.91
N LEU A 81 -3.17 -18.92 -9.33
CA LEU A 81 -2.86 -19.13 -10.75
C LEU A 81 -2.51 -20.54 -11.21
N ILE A 82 -1.95 -21.37 -10.34
CA ILE A 82 -1.60 -22.72 -10.75
C ILE A 82 -2.88 -23.44 -11.18
N GLY A 83 -2.89 -23.92 -12.43
CA GLY A 83 -4.04 -24.62 -12.96
C GLY A 83 -4.81 -23.77 -13.95
N GLN A 84 -4.59 -22.46 -13.91
CA GLN A 84 -5.27 -21.53 -14.81
C GLN A 84 -4.59 -21.49 -16.18
N ASP A 85 -5.38 -21.15 -17.20
CA ASP A 85 -4.87 -21.04 -18.56
C ASP A 85 -3.94 -19.85 -18.68
N ALA A 86 -2.66 -20.10 -18.96
CA ALA A 86 -1.67 -19.04 -19.08
C ALA A 86 -1.83 -18.20 -20.35
N SER A 87 -2.55 -18.73 -21.35
CA SER A 87 -2.74 -18.02 -22.60
C SER A 87 -3.81 -16.92 -22.54
N ASN A 88 -4.54 -16.84 -21.43
CA ASN A 88 -5.55 -15.79 -21.27
C ASN A 88 -5.06 -14.89 -20.13
N ILE A 89 -4.19 -13.94 -20.49
CA ILE A 89 -3.60 -13.03 -19.53
C ILE A 89 -4.60 -12.10 -18.84
N ASN A 90 -5.54 -11.54 -19.61
CA ASN A 90 -6.52 -10.64 -19.00
C ASN A 90 -7.31 -11.36 -17.92
N ALA A 91 -7.79 -12.57 -18.20
CA ALA A 91 -8.56 -13.33 -17.22
C ALA A 91 -7.73 -13.66 -15.99
N ALA A 92 -6.45 -13.98 -16.18
CA ALA A 92 -5.57 -14.31 -15.07
C ALA A 92 -5.31 -13.13 -14.15
N MET A 93 -5.03 -11.97 -14.75
CA MET A 93 -4.75 -10.78 -13.97
C MET A 93 -6.00 -10.28 -13.24
N LEU A 94 -7.17 -10.42 -13.86
CA LEU A 94 -8.40 -9.97 -13.22
C LEU A 94 -8.72 -10.91 -12.07
N ARG A 95 -8.35 -12.18 -12.24
CA ARG A 95 -8.56 -13.18 -11.21
C ARG A 95 -7.72 -12.76 -10.00
N LEU A 96 -6.51 -12.26 -10.25
CA LEU A 96 -5.66 -11.81 -9.16
C LEU A 96 -6.25 -10.57 -8.50
N GLU A 97 -6.68 -9.63 -9.33
CA GLU A 97 -7.23 -8.36 -8.87
C GLU A 97 -8.45 -8.50 -7.96
N GLN A 98 -9.27 -9.53 -8.19
CA GLN A 98 -10.45 -9.67 -7.35
C GLN A 98 -10.15 -10.29 -5.98
N SER A 99 -8.99 -10.89 -5.82
CA SER A 99 -8.63 -11.51 -4.54
C SER A 99 -7.40 -10.90 -3.87
N ILE A 100 -6.68 -10.06 -4.60
CA ILE A 100 -5.47 -9.45 -4.06
C ILE A 100 -5.46 -7.94 -4.20
N ARG A 101 -5.44 -7.25 -3.07
CA ARG A 101 -5.41 -5.79 -3.06
C ARG A 101 -3.96 -5.31 -3.10
N GLY A 102 -3.71 -4.26 -3.88
CA GLY A 102 -2.36 -3.72 -3.97
C GLY A 102 -1.35 -4.70 -4.54
N ASN A 103 -0.17 -4.74 -3.93
CA ASN A 103 0.89 -5.66 -4.39
C ASN A 103 1.13 -5.50 -5.88
N THR A 104 1.21 -4.25 -6.35
CA THR A 104 1.43 -4.00 -7.78
C THR A 104 2.80 -4.47 -8.27
N PHE A 105 3.82 -4.36 -7.43
CA PHE A 105 5.16 -4.80 -7.84
C PHE A 105 5.11 -6.29 -8.14
N ALA A 106 4.47 -7.05 -7.25
CA ALA A 106 4.33 -8.49 -7.42
C ALA A 106 3.52 -8.76 -8.70
N LYS A 107 2.40 -8.07 -8.86
CA LYS A 107 1.56 -8.27 -10.03
C LYS A 107 2.31 -7.96 -11.32
N SER A 108 3.15 -6.93 -11.29
CA SER A 108 3.91 -6.55 -12.47
C SER A 108 4.83 -7.69 -12.92
N GLY A 109 5.50 -8.31 -11.96
CA GLY A 109 6.40 -9.41 -12.28
C GLY A 109 5.64 -10.59 -12.88
N ILE A 110 4.48 -10.89 -12.31
CA ILE A 110 3.65 -11.99 -12.78
C ILE A 110 3.16 -11.75 -14.20
N GLU A 111 2.61 -10.56 -14.47
CA GLU A 111 2.13 -10.29 -15.82
C GLU A 111 3.27 -10.27 -16.83
N SER A 112 4.44 -9.79 -16.42
CA SER A 112 5.58 -9.76 -17.32
C SER A 112 5.93 -11.19 -17.73
N ALA A 113 5.89 -12.10 -16.76
CA ALA A 113 6.20 -13.51 -17.02
C ALA A 113 5.17 -14.12 -17.98
N LEU A 114 3.89 -13.82 -17.74
CA LEU A 114 2.82 -14.33 -18.60
C LEU A 114 2.98 -13.79 -20.02
N LEU A 115 3.35 -12.52 -20.14
CA LEU A 115 3.53 -11.90 -21.46
C LEU A 115 4.73 -12.55 -22.18
N ASP A 116 5.80 -12.79 -21.45
CA ASP A 116 6.98 -13.42 -22.02
C ASP A 116 6.59 -14.80 -22.56
N ALA A 117 5.86 -15.56 -21.75
CA ALA A 117 5.43 -16.91 -22.16
C ALA A 117 4.49 -16.88 -23.36
N GLN A 118 3.51 -15.98 -23.35
CA GLN A 118 2.56 -15.87 -24.45
C GLN A 118 3.25 -15.42 -25.74
N GLY A 119 4.30 -14.62 -25.60
CA GLY A 119 5.03 -14.16 -26.77
C GLY A 119 5.76 -15.33 -27.41
N LYS A 120 6.37 -16.17 -26.59
CA LYS A 120 7.08 -17.34 -27.09
C LYS A 120 6.05 -18.28 -27.72
N ARG A 121 4.92 -18.45 -27.04
CA ARG A 121 3.85 -19.32 -27.51
C ARG A 121 3.36 -18.95 -28.91
N LEU A 122 3.21 -17.65 -29.17
CA LEU A 122 2.73 -17.20 -30.47
C LEU A 122 3.84 -16.78 -31.42
N GLY A 123 5.08 -16.80 -30.92
CA GLY A 123 6.22 -16.40 -31.75
C GLY A 123 6.21 -14.90 -32.06
N LEU A 124 5.80 -14.10 -31.09
CA LEU A 124 5.74 -12.65 -31.26
C LEU A 124 6.36 -11.92 -30.07
N PRO A 125 7.01 -10.77 -30.32
CA PRO A 125 7.58 -10.07 -29.17
C PRO A 125 6.43 -9.48 -28.35
N VAL A 126 6.68 -9.20 -27.08
CA VAL A 126 5.62 -8.65 -26.23
C VAL A 126 5.01 -7.36 -26.78
N SER A 127 5.80 -6.56 -27.46
CA SER A 127 5.31 -5.30 -28.01
C SER A 127 4.19 -5.54 -29.03
N GLU A 128 4.27 -6.66 -29.74
CA GLU A 128 3.24 -6.95 -30.73
C GLU A 128 2.01 -7.55 -30.05
N LEU A 129 2.19 -8.24 -28.93
CA LEU A 129 1.06 -8.80 -28.18
C LEU A 129 0.23 -7.65 -27.63
N LEU A 130 0.91 -6.55 -27.32
CA LEU A 130 0.26 -5.38 -26.75
C LEU A 130 -0.35 -4.46 -27.81
N GLY A 131 -0.32 -4.88 -29.07
CA GLY A 131 -0.92 -4.06 -30.11
C GLY A 131 -0.04 -3.72 -31.30
N GLY A 132 1.27 -3.66 -31.09
CA GLY A 132 2.19 -3.34 -32.17
C GLY A 132 3.06 -2.15 -31.83
N ARG A 133 4.36 -2.28 -32.08
CA ARG A 133 5.33 -1.21 -31.81
C ARG A 133 5.26 -0.13 -32.88
N VAL A 134 5.62 1.10 -32.51
CA VAL A 134 5.61 2.20 -33.48
C VAL A 134 7.03 2.71 -33.67
N ARG A 135 7.97 2.07 -32.97
CA ARG A 135 9.38 2.41 -33.03
C ARG A 135 10.14 1.20 -32.51
N ASP A 136 11.44 1.13 -32.82
CA ASP A 136 12.26 0.02 -32.36
C ASP A 136 13.19 0.46 -31.24
N ALA A 137 13.40 1.77 -31.11
CA ALA A 137 14.30 2.30 -30.09
C ALA A 137 13.67 3.34 -29.18
N LEU A 138 14.16 3.41 -27.95
CA LEU A 138 13.66 4.34 -26.96
C LEU A 138 14.79 5.20 -26.38
N PRO A 139 14.58 6.52 -26.32
CA PRO A 139 15.62 7.42 -25.77
C PRO A 139 15.75 7.12 -24.28
N VAL A 140 16.99 7.06 -23.79
CA VAL A 140 17.22 6.73 -22.39
C VAL A 140 18.03 7.79 -21.64
N ALA A 141 17.43 8.31 -20.57
CA ALA A 141 18.07 9.32 -19.74
C ALA A 141 19.00 8.62 -18.74
N TRP A 142 19.80 9.41 -18.03
CA TRP A 142 20.74 8.87 -17.07
C TRP A 142 20.66 9.66 -15.77
N THR A 143 20.63 8.97 -14.64
CA THR A 143 20.56 9.64 -13.36
C THR A 143 21.93 9.92 -12.75
N LEU A 144 22.15 11.17 -12.40
CA LEU A 144 23.39 11.59 -11.78
C LEU A 144 23.04 11.63 -10.28
N ALA A 145 23.70 10.77 -9.50
CA ALA A 145 23.41 10.70 -8.07
C ALA A 145 24.62 10.20 -7.30
N SER A 146 25.77 10.80 -7.55
CA SER A 146 27.00 10.44 -6.86
C SER A 146 27.10 11.24 -5.58
N GLY A 147 26.38 12.36 -5.53
CA GLY A 147 26.41 13.21 -4.35
C GLY A 147 27.55 14.22 -4.38
N ASP A 148 28.13 14.42 -5.57
CA ASP A 148 29.23 15.36 -5.75
C ASP A 148 29.08 16.08 -7.08
N THR A 149 29.04 17.41 -7.03
CA THR A 149 28.86 18.20 -8.25
C THR A 149 29.93 17.90 -9.32
N ALA A 150 31.20 17.99 -8.94
CA ALA A 150 32.28 17.73 -9.87
C ALA A 150 32.18 16.33 -10.49
N LYS A 151 31.91 15.33 -9.67
CA LYS A 151 31.78 13.95 -10.15
C LYS A 151 30.59 13.80 -11.09
N ASP A 152 29.46 14.42 -10.74
CA ASP A 152 28.28 14.34 -11.59
C ASP A 152 28.53 14.97 -12.96
N ILE A 153 29.22 16.10 -12.99
CA ILE A 153 29.52 16.77 -14.26
C ILE A 153 30.40 15.90 -15.14
N ALA A 154 31.44 15.32 -14.54
CA ALA A 154 32.36 14.46 -15.27
C ALA A 154 31.64 13.26 -15.85
N GLU A 155 30.79 12.63 -15.06
CA GLU A 155 30.05 11.46 -15.52
C GLU A 155 29.12 11.83 -16.67
N ALA A 156 28.43 12.96 -16.54
CA ALA A 156 27.52 13.41 -17.60
C ALA A 156 28.31 13.65 -18.87
N GLN A 157 29.47 14.29 -18.75
CA GLN A 157 30.31 14.56 -19.93
C GLN A 157 30.76 13.26 -20.58
N LYS A 158 31.04 12.25 -19.77
CA LYS A 158 31.46 10.96 -20.30
C LYS A 158 30.31 10.34 -21.09
N MET A 159 29.12 10.30 -20.48
CA MET A 159 27.97 9.71 -21.14
C MET A 159 27.60 10.44 -22.43
N LEU A 160 27.75 11.76 -22.44
CA LEU A 160 27.45 12.53 -23.64
C LEU A 160 28.40 12.16 -24.77
N ASP A 161 29.70 12.22 -24.47
CA ASP A 161 30.72 11.91 -25.46
C ASP A 161 30.74 10.46 -25.94
N LEU A 162 30.24 9.54 -25.13
CA LEU A 162 30.17 8.14 -25.52
C LEU A 162 28.90 7.92 -26.35
N ARG A 163 28.07 8.96 -26.43
CA ARG A 163 26.80 8.89 -27.14
C ARG A 163 25.91 7.85 -26.42
N ARG A 164 26.05 7.81 -25.09
CA ARG A 164 25.29 6.91 -24.25
C ARG A 164 24.00 7.59 -23.79
N HIS A 165 24.14 8.82 -23.25
CA HIS A 165 23.00 9.57 -22.74
C HIS A 165 23.22 11.08 -22.91
N ARG A 166 22.14 11.81 -23.18
CA ARG A 166 22.22 13.26 -23.33
C ARG A 166 21.09 13.94 -22.55
N ILE A 167 20.39 13.14 -21.75
CA ILE A 167 19.29 13.62 -20.90
C ILE A 167 19.69 13.16 -19.50
N PHE A 168 19.79 14.10 -18.57
CA PHE A 168 20.20 13.79 -17.22
C PHE A 168 19.22 14.15 -16.13
N LYS A 169 19.02 13.20 -15.23
CA LYS A 169 18.11 13.35 -14.09
C LYS A 169 18.93 13.44 -12.81
N LEU A 170 18.75 14.53 -12.08
CA LEU A 170 19.48 14.75 -10.84
C LEU A 170 18.61 14.53 -9.62
N LYS A 171 19.04 13.64 -8.73
CA LYS A 171 18.31 13.38 -7.51
C LYS A 171 18.72 14.40 -6.47
N ILE A 172 17.74 15.09 -5.90
CA ILE A 172 18.00 16.10 -4.88
C ILE A 172 16.98 15.93 -3.76
N GLY A 173 17.13 16.73 -2.70
CA GLY A 173 16.19 16.64 -1.60
C GLY A 173 16.80 16.12 -0.31
N ALA A 174 17.98 15.54 -0.41
CA ALA A 174 18.66 15.00 0.77
C ALA A 174 19.39 16.09 1.54
N GLY A 175 19.77 17.17 0.86
CA GLY A 175 20.49 18.23 1.54
C GLY A 175 19.70 19.52 1.70
N GLU A 176 20.39 20.58 2.11
CA GLU A 176 19.75 21.88 2.29
C GLU A 176 19.32 22.33 0.89
N VAL A 177 18.13 22.90 0.79
CA VAL A 177 17.61 23.31 -0.51
C VAL A 177 18.56 24.16 -1.36
N ASP A 178 19.11 25.23 -0.79
CA ASP A 178 20.01 26.10 -1.56
C ASP A 178 21.27 25.39 -2.05
N ARG A 179 21.70 24.39 -1.29
CA ARG A 179 22.88 23.63 -1.66
C ARG A 179 22.54 22.72 -2.84
N ASP A 180 21.36 22.11 -2.78
CA ASP A 180 20.92 21.24 -3.87
C ASP A 180 20.66 22.04 -5.14
N LEU A 181 20.09 23.23 -4.99
CA LEU A 181 19.83 24.07 -6.15
C LEU A 181 21.13 24.50 -6.82
N ALA A 182 22.10 24.91 -6.01
CA ALA A 182 23.40 25.34 -6.55
C ALA A 182 24.02 24.19 -7.35
N HIS A 183 23.88 22.98 -6.81
CA HIS A 183 24.40 21.75 -7.39
C HIS A 183 23.81 21.54 -8.79
N VAL A 184 22.48 21.58 -8.86
CA VAL A 184 21.75 21.39 -10.11
C VAL A 184 22.10 22.47 -11.14
N ILE A 185 22.11 23.72 -10.71
CA ILE A 185 22.42 24.83 -11.59
C ILE A 185 23.85 24.74 -12.12
N ALA A 186 24.78 24.33 -11.27
CA ALA A 186 26.18 24.21 -11.67
C ALA A 186 26.31 23.16 -12.77
N ILE A 187 25.57 22.06 -12.62
CA ILE A 187 25.60 20.98 -13.60
C ILE A 187 25.03 21.46 -14.95
N LYS A 188 23.86 22.10 -14.92
CA LYS A 188 23.26 22.59 -16.15
C LYS A 188 24.19 23.60 -16.83
N LYS A 189 24.80 24.47 -16.03
CA LYS A 189 25.71 25.47 -16.56
C LYS A 189 26.92 24.84 -17.26
N ALA A 190 27.42 23.75 -16.70
CA ALA A 190 28.57 23.06 -17.28
C ALA A 190 28.24 22.34 -18.59
N LEU A 191 27.04 21.78 -18.68
CA LEU A 191 26.61 21.04 -19.88
C LEU A 191 26.00 21.93 -20.96
N GLY A 192 25.34 23.00 -20.55
CA GLY A 192 24.72 23.90 -21.50
C GLY A 192 23.62 23.27 -22.36
N ASP A 193 23.59 23.65 -23.63
CA ASP A 193 22.59 23.15 -24.58
C ASP A 193 22.85 21.74 -25.10
N SER A 194 24.00 21.16 -24.76
CA SER A 194 24.33 19.83 -25.23
C SER A 194 23.50 18.75 -24.53
N ALA A 195 22.83 19.14 -23.44
CA ALA A 195 22.02 18.16 -22.71
C ALA A 195 20.80 18.76 -22.02
N SER A 196 19.84 17.89 -21.73
CA SER A 196 18.62 18.28 -21.03
C SER A 196 18.84 17.87 -19.59
N VAL A 197 18.61 18.78 -18.65
CA VAL A 197 18.79 18.50 -17.24
C VAL A 197 17.45 18.59 -16.51
N ARG A 198 17.16 17.57 -15.71
CA ARG A 198 15.91 17.52 -14.94
C ARG A 198 16.25 17.09 -13.52
N VAL A 199 15.32 17.30 -12.60
CA VAL A 199 15.54 16.91 -11.22
C VAL A 199 14.40 16.02 -10.72
N ASP A 200 14.69 15.28 -9.66
CA ASP A 200 13.71 14.40 -9.02
C ASP A 200 13.94 14.64 -7.54
N VAL A 201 12.91 15.08 -6.84
CA VAL A 201 13.02 15.37 -5.41
C VAL A 201 12.48 14.25 -4.53
N ASN A 202 11.88 13.24 -5.15
CA ASN A 202 11.33 12.10 -4.43
C ASN A 202 10.46 12.50 -3.24
N GLN A 203 9.60 13.50 -3.43
CA GLN A 203 8.70 13.97 -2.38
C GLN A 203 9.36 14.68 -1.20
N ALA A 204 10.67 14.91 -1.27
CA ALA A 204 11.39 15.50 -0.14
C ALA A 204 11.05 16.91 0.33
N TRP A 205 10.54 17.78 -0.54
CA TRP A 205 10.24 19.14 -0.11
C TRP A 205 8.84 19.39 0.41
N ASP A 206 8.70 20.42 1.25
CA ASP A 206 7.40 20.85 1.73
C ASP A 206 7.00 21.84 0.65
N GLU A 207 5.70 22.05 0.47
CA GLU A 207 5.22 22.99 -0.54
C GLU A 207 5.84 24.38 -0.31
N ALA A 208 5.99 24.78 0.95
CA ALA A 208 6.58 26.08 1.29
C ALA A 208 7.97 26.25 0.67
N VAL A 209 8.72 25.16 0.59
CA VAL A 209 10.06 25.18 0.01
C VAL A 209 9.97 25.08 -1.51
N ALA A 210 9.13 24.17 -1.99
CA ALA A 210 8.98 23.94 -3.42
C ALA A 210 8.50 25.14 -4.24
N LEU A 211 7.60 25.93 -3.66
CA LEU A 211 7.07 27.07 -4.40
C LEU A 211 8.15 28.06 -4.81
N ARG A 212 9.24 28.11 -4.02
CA ARG A 212 10.37 28.99 -4.35
C ARG A 212 11.38 28.24 -5.22
N ALA A 213 11.71 27.03 -4.79
CA ALA A 213 12.68 26.20 -5.49
C ALA A 213 12.30 25.93 -6.95
N CYS A 214 11.03 25.69 -7.22
CA CYS A 214 10.60 25.42 -8.59
C CYS A 214 10.81 26.66 -9.48
N ARG A 215 10.57 27.83 -8.92
CA ARG A 215 10.76 29.07 -9.68
C ARG A 215 12.24 29.24 -10.03
N ILE A 216 13.12 28.94 -9.07
CA ILE A 216 14.55 29.06 -9.30
C ILE A 216 15.03 28.07 -10.38
N LEU A 217 14.63 26.81 -10.24
CA LEU A 217 15.03 25.79 -11.22
C LEU A 217 14.51 26.15 -12.62
N GLY A 218 13.24 26.51 -12.71
CA GLY A 218 12.66 26.85 -14.00
C GLY A 218 13.36 28.05 -14.63
N GLY A 219 13.90 28.93 -13.81
CA GLY A 219 14.57 30.10 -14.34
C GLY A 219 16.03 29.83 -14.67
N ASN A 220 16.48 28.59 -14.43
CA ASN A 220 17.87 28.24 -14.68
C ASN A 220 18.10 27.07 -15.63
N GLY A 221 17.19 26.87 -16.58
CA GLY A 221 17.36 25.82 -17.56
C GLY A 221 17.06 24.38 -17.18
N ILE A 222 16.31 24.17 -16.11
CA ILE A 222 15.95 22.82 -15.70
C ILE A 222 14.63 22.52 -16.43
N ASP A 223 14.59 21.41 -17.15
CA ASP A 223 13.43 21.06 -17.96
C ASP A 223 12.24 20.38 -17.32
N LEU A 224 12.44 19.70 -16.20
CA LEU A 224 11.33 18.99 -15.57
C LEU A 224 11.61 18.81 -14.09
N ILE A 225 10.57 18.92 -13.28
CA ILE A 225 10.72 18.75 -11.83
C ILE A 225 9.84 17.58 -11.42
N GLU A 226 10.47 16.47 -11.10
CA GLU A 226 9.74 15.27 -10.71
C GLU A 226 9.39 15.20 -9.22
N GLN A 227 8.11 14.96 -8.95
CA GLN A 227 7.55 14.80 -7.60
C GLN A 227 8.26 15.64 -6.53
N PRO A 228 8.11 16.97 -6.59
CA PRO A 228 8.75 17.86 -5.62
C PRO A 228 8.28 17.71 -4.16
N ILE A 229 7.01 17.39 -3.97
CA ILE A 229 6.46 17.26 -2.63
C ILE A 229 5.69 15.96 -2.42
N SER A 230 5.25 15.73 -1.18
CA SER A 230 4.54 14.52 -0.84
C SER A 230 3.27 14.28 -1.65
N ARG A 231 3.05 13.03 -2.04
CA ARG A 231 1.85 12.63 -2.78
C ARG A 231 0.62 12.92 -1.91
N ASN A 232 0.82 13.10 -0.61
CA ASN A 232 -0.30 13.40 0.30
C ASN A 232 -0.76 14.85 0.25
N ASN A 233 0.10 15.75 -0.23
CA ASN A 233 -0.33 17.15 -0.32
C ASN A 233 -0.93 17.30 -1.71
N ARG A 234 -2.13 16.74 -1.86
CA ARG A 234 -2.85 16.76 -3.12
C ARG A 234 -3.14 18.17 -3.62
N ALA A 235 -3.68 19.02 -2.74
CA ALA A 235 -3.99 20.40 -3.12
C ALA A 235 -2.72 21.18 -3.46
N GLY A 236 -1.63 20.86 -2.78
CA GLY A 236 -0.37 21.54 -3.02
C GLY A 236 0.25 21.24 -4.38
N MET A 237 0.17 19.98 -4.81
CA MET A 237 0.71 19.63 -6.12
C MET A 237 -0.05 20.46 -7.17
N VAL A 238 -1.36 20.61 -7.01
CA VAL A 238 -2.13 21.40 -7.97
C VAL A 238 -1.64 22.86 -7.97
N ARG A 239 -1.50 23.44 -6.78
CA ARG A 239 -1.03 24.82 -6.67
C ARG A 239 0.36 25.02 -7.28
N LEU A 240 1.26 24.05 -7.10
CA LEU A 240 2.60 24.16 -7.64
C LEU A 240 2.63 24.13 -9.18
N ASN A 241 1.69 23.41 -9.77
CA ASN A 241 1.65 23.36 -11.23
C ASN A 241 1.44 24.77 -11.77
N ALA A 242 0.65 25.57 -11.05
CA ALA A 242 0.36 26.93 -11.45
C ALA A 242 1.52 27.91 -11.22
N SER A 243 2.22 27.78 -10.11
CA SER A 243 3.33 28.70 -9.83
C SER A 243 4.65 28.30 -10.47
N SER A 244 4.81 27.01 -10.76
CA SER A 244 6.05 26.57 -11.37
C SER A 244 6.13 26.87 -12.86
N PRO A 245 7.20 27.56 -13.29
CA PRO A 245 7.39 27.88 -14.70
C PRO A 245 7.97 26.68 -15.45
N ALA A 246 8.34 25.64 -14.69
CA ALA A 246 8.88 24.41 -15.24
C ALA A 246 7.81 23.34 -14.98
N PRO A 247 7.57 22.44 -15.95
CA PRO A 247 6.56 21.40 -15.76
C PRO A 247 6.90 20.45 -14.62
N ILE A 248 5.85 19.98 -13.94
CA ILE A 248 6.00 19.05 -12.83
C ILE A 248 5.51 17.65 -13.22
N MET A 249 6.29 16.64 -12.87
CA MET A 249 5.94 15.26 -13.19
C MET A 249 5.57 14.48 -11.93
N ALA A 250 4.50 13.70 -12.04
CA ALA A 250 4.04 12.87 -10.94
C ALA A 250 4.69 11.50 -11.05
N ASP A 251 5.23 11.00 -9.95
CA ASP A 251 5.80 9.66 -9.95
C ASP A 251 5.21 8.92 -8.77
N GLU A 252 5.69 9.20 -7.56
CA GLU A 252 5.15 8.52 -6.39
C GLU A 252 3.65 8.76 -6.21
N SER A 253 3.14 9.86 -6.78
CA SER A 253 1.71 10.15 -6.66
C SER A 253 0.89 9.07 -7.36
N ILE A 254 1.51 8.34 -8.27
CA ILE A 254 0.81 7.27 -8.97
C ILE A 254 1.17 5.92 -8.36
N GLU A 255 0.22 5.32 -7.63
CA GLU A 255 0.46 4.00 -7.04
C GLU A 255 -0.57 2.99 -7.56
N CYS A 256 -1.31 3.41 -8.58
CA CYS A 256 -2.31 2.57 -9.24
C CYS A 256 -2.92 3.38 -10.39
N VAL A 257 -3.61 2.71 -11.29
CA VAL A 257 -4.23 3.37 -12.42
C VAL A 257 -5.24 4.43 -11.99
N GLU A 258 -6.02 4.14 -10.96
CA GLU A 258 -7.00 5.09 -10.47
C GLU A 258 -6.35 6.41 -10.03
N ASP A 259 -5.17 6.34 -9.41
CA ASP A 259 -4.47 7.55 -8.99
C ASP A 259 -4.20 8.43 -10.19
N ALA A 260 -3.82 7.81 -11.31
CA ALA A 260 -3.55 8.55 -12.53
C ALA A 260 -4.79 9.36 -12.93
N PHE A 261 -5.96 8.74 -12.88
CA PHE A 261 -7.16 9.46 -13.22
C PHE A 261 -7.40 10.64 -12.27
N ASN A 262 -7.30 10.38 -10.96
CA ASN A 262 -7.52 11.46 -9.99
C ASN A 262 -6.53 12.61 -10.13
N LEU A 263 -5.27 12.29 -10.42
CA LEU A 263 -4.26 13.34 -10.59
C LEU A 263 -4.63 14.18 -11.82
N ALA A 264 -5.07 13.50 -12.89
CA ALA A 264 -5.45 14.19 -14.12
C ALA A 264 -6.70 15.05 -13.88
N ARG A 265 -7.65 14.51 -13.12
CA ARG A 265 -8.88 15.24 -12.80
C ARG A 265 -8.58 16.51 -12.02
N GLU A 266 -7.70 16.40 -11.04
CA GLU A 266 -7.34 17.51 -10.18
C GLU A 266 -6.33 18.49 -10.79
N GLY A 267 -5.52 18.01 -11.73
CA GLY A 267 -4.51 18.85 -12.37
C GLY A 267 -3.25 18.88 -11.53
N ALA A 268 -2.90 17.72 -10.97
CA ALA A 268 -1.74 17.59 -10.10
C ALA A 268 -0.37 17.59 -10.77
N ALA A 269 -0.31 17.34 -12.07
CA ALA A 269 0.95 17.32 -12.81
C ALA A 269 0.69 17.36 -14.30
N SER A 270 1.63 17.89 -15.08
CA SER A 270 1.47 17.96 -16.53
C SER A 270 2.17 16.82 -17.27
N VAL A 271 2.88 15.99 -16.51
CA VAL A 271 3.60 14.84 -17.06
C VAL A 271 3.49 13.70 -16.06
N PHE A 272 3.29 12.48 -16.55
CA PHE A 272 3.19 11.30 -15.70
C PHE A 272 4.34 10.33 -15.98
N ALA A 273 4.95 9.82 -14.91
CA ALA A 273 6.00 8.82 -15.06
C ALA A 273 5.21 7.51 -15.19
N LEU A 274 5.63 6.63 -16.10
CA LEU A 274 4.95 5.35 -16.30
C LEU A 274 5.86 4.23 -15.79
N LYS A 275 5.42 3.54 -14.74
CA LYS A 275 6.22 2.47 -14.16
C LYS A 275 5.37 1.21 -14.02
N ILE A 276 5.81 0.12 -14.64
CA ILE A 276 5.04 -1.11 -14.58
C ILE A 276 4.88 -1.61 -13.15
N ALA A 277 5.88 -1.36 -12.31
CA ALA A 277 5.82 -1.80 -10.91
C ALA A 277 4.76 -1.05 -10.10
N LYS A 278 4.53 0.22 -10.44
CA LYS A 278 3.56 1.03 -9.71
C LYS A 278 2.12 0.82 -10.16
N ASN A 279 1.94 0.35 -11.39
CA ASN A 279 0.60 0.13 -11.91
C ASN A 279 0.12 -1.31 -11.89
N GLY A 280 1.07 -2.25 -11.87
CA GLY A 280 0.69 -3.65 -11.83
C GLY A 280 1.00 -4.41 -13.10
N GLY A 281 2.00 -3.95 -13.85
CA GLY A 281 2.37 -4.61 -15.09
C GLY A 281 2.25 -3.77 -16.34
N PRO A 282 2.77 -4.28 -17.47
CA PRO A 282 2.73 -3.58 -18.76
C PRO A 282 1.33 -3.16 -19.20
N ARG A 283 0.36 -4.05 -19.04
CA ARG A 283 -1.00 -3.73 -19.45
C ARG A 283 -1.63 -2.63 -18.62
N ALA A 284 -1.47 -2.71 -17.30
CA ALA A 284 -2.04 -1.69 -16.42
C ALA A 284 -1.37 -0.35 -16.69
N THR A 285 -0.08 -0.39 -17.00
CA THR A 285 0.64 0.83 -17.28
C THR A 285 0.14 1.47 -18.57
N LEU A 286 -0.29 0.64 -19.53
CA LEU A 286 -0.82 1.20 -20.78
C LEU A 286 -2.18 1.85 -20.54
N ARG A 287 -2.90 1.41 -19.51
CA ARG A 287 -4.18 2.01 -19.19
C ARG A 287 -3.89 3.38 -18.56
N THR A 288 -2.86 3.46 -17.73
CA THR A 288 -2.49 4.73 -17.12
C THR A 288 -2.06 5.69 -18.22
N ALA A 289 -1.34 5.17 -19.21
CA ALA A 289 -0.89 5.98 -20.33
C ALA A 289 -2.08 6.50 -21.14
N ALA A 290 -3.11 5.66 -21.30
CA ALA A 290 -4.28 6.05 -22.06
C ALA A 290 -5.00 7.19 -21.34
N ILE A 291 -5.06 7.12 -20.02
CA ILE A 291 -5.71 8.16 -19.22
C ILE A 291 -4.94 9.46 -19.40
N ALA A 292 -3.62 9.40 -19.30
CA ALA A 292 -2.78 10.58 -19.46
C ALA A 292 -2.96 11.21 -20.84
N GLU A 293 -2.87 10.39 -21.88
CA GLU A 293 -3.03 10.88 -23.25
C GLU A 293 -4.37 11.55 -23.43
N ALA A 294 -5.42 10.94 -22.87
CA ALA A 294 -6.77 11.47 -22.99
C ALA A 294 -6.92 12.82 -22.29
N ALA A 295 -6.07 13.07 -21.29
CA ALA A 295 -6.09 14.31 -20.53
C ALA A 295 -5.08 15.34 -21.03
N GLY A 296 -4.31 14.98 -22.06
CA GLY A 296 -3.31 15.88 -22.60
C GLY A 296 -2.06 15.97 -21.75
N ILE A 297 -1.81 14.94 -20.96
CA ILE A 297 -0.66 14.88 -20.07
C ILE A 297 0.49 14.14 -20.72
N GLY A 298 1.70 14.69 -20.59
CA GLY A 298 2.88 14.08 -21.18
C GLY A 298 3.27 12.76 -20.54
N LEU A 299 4.00 11.94 -21.30
CA LEU A 299 4.42 10.63 -20.82
C LEU A 299 5.93 10.49 -20.69
N TYR A 300 6.33 9.74 -19.68
CA TYR A 300 7.73 9.47 -19.39
C TYR A 300 7.86 7.98 -19.07
N GLY A 301 8.83 7.31 -19.71
CA GLY A 301 9.02 5.89 -19.45
C GLY A 301 9.85 5.73 -18.20
N GLY A 302 9.18 5.44 -17.09
CA GLY A 302 9.86 5.31 -15.81
C GLY A 302 10.41 3.94 -15.46
N THR A 303 11.20 3.90 -14.41
CA THR A 303 11.82 2.65 -13.96
C THR A 303 11.96 2.62 -12.44
N MET A 304 12.07 1.41 -11.89
CA MET A 304 12.28 1.22 -10.47
C MET A 304 13.66 0.57 -10.35
N LEU A 305 14.49 0.83 -11.37
CA LEU A 305 15.85 0.30 -11.48
C LEU A 305 15.89 -1.22 -11.65
N GLU A 306 14.98 -1.71 -12.50
CA GLU A 306 14.90 -3.12 -12.81
C GLU A 306 16.11 -3.55 -13.64
N GLY A 307 16.41 -4.84 -13.59
CA GLY A 307 17.50 -5.38 -14.38
C GLY A 307 16.98 -5.55 -15.79
N GLY A 308 17.68 -6.34 -16.61
CA GLY A 308 17.27 -6.55 -17.98
C GLY A 308 15.84 -7.02 -18.21
N ILE A 309 15.36 -7.96 -17.40
CA ILE A 309 14.01 -8.47 -17.58
C ILE A 309 12.92 -7.40 -17.37
N GLY A 310 12.94 -6.74 -16.22
CA GLY A 310 11.94 -5.72 -15.94
C GLY A 310 12.04 -4.51 -16.85
N THR A 311 13.26 -4.20 -17.28
CA THR A 311 13.50 -3.08 -18.17
C THR A 311 12.93 -3.40 -19.56
N LEU A 312 13.12 -4.62 -20.03
CA LEU A 312 12.59 -4.98 -21.33
C LEU A 312 11.05 -5.11 -21.29
N ALA A 313 10.53 -5.58 -20.17
CA ALA A 313 9.07 -5.70 -20.03
C ALA A 313 8.49 -4.29 -20.16
N SER A 314 9.17 -3.34 -19.53
CA SER A 314 8.75 -1.93 -19.58
C SER A 314 8.88 -1.41 -21.01
N ALA A 315 10.04 -1.65 -21.61
CA ALA A 315 10.33 -1.21 -22.96
C ALA A 315 9.30 -1.68 -24.00
N HIS A 316 8.93 -2.95 -23.96
CA HIS A 316 7.96 -3.45 -24.93
C HIS A 316 6.63 -2.71 -24.87
N ALA A 317 6.23 -2.30 -23.68
CA ALA A 317 4.99 -1.55 -23.54
C ALA A 317 5.16 -0.13 -24.09
N PHE A 318 6.30 0.50 -23.78
CA PHE A 318 6.55 1.86 -24.25
C PHE A 318 6.69 1.95 -25.76
N LEU A 319 7.09 0.85 -26.41
CA LEU A 319 7.24 0.87 -27.86
C LEU A 319 5.90 1.09 -28.58
N THR A 320 4.79 0.81 -27.89
CA THR A 320 3.47 0.96 -28.49
C THR A 320 2.87 2.36 -28.36
N LEU A 321 3.48 3.19 -27.50
CA LEU A 321 2.96 4.53 -27.28
C LEU A 321 3.23 5.48 -28.45
N ASN A 322 2.20 6.20 -28.86
CA ASN A 322 2.34 7.14 -29.97
C ASN A 322 3.46 8.13 -29.72
N LYS A 323 3.56 8.62 -28.49
CA LYS A 323 4.58 9.59 -28.16
C LYS A 323 4.98 9.59 -26.69
N LEU A 324 6.29 9.58 -26.45
CA LEU A 324 6.85 9.63 -25.10
C LEU A 324 7.57 10.97 -25.10
N SER A 325 6.80 12.05 -24.96
CA SER A 325 7.34 13.41 -24.99
C SER A 325 8.52 13.66 -24.07
N TRP A 326 8.57 13.00 -22.93
CA TRP A 326 9.67 13.23 -22.01
C TRP A 326 10.69 12.11 -21.94
N ASP A 327 10.64 11.23 -22.95
CA ASP A 327 11.58 10.13 -23.08
C ASP A 327 11.46 9.05 -22.01
N THR A 328 12.54 8.36 -21.71
CA THR A 328 12.50 7.30 -20.69
C THR A 328 13.78 7.29 -19.86
N GLU A 329 13.73 6.55 -18.76
CA GLU A 329 14.88 6.38 -17.88
C GLU A 329 15.18 4.88 -17.73
N LEU A 330 15.03 4.12 -18.83
CA LEU A 330 15.28 2.68 -18.79
C LEU A 330 16.79 2.34 -18.84
N PHE A 331 17.52 2.78 -17.81
CA PHE A 331 18.95 2.56 -17.71
C PHE A 331 19.33 1.57 -16.59
N GLY A 332 18.32 0.99 -15.94
CA GLY A 332 18.58 0.07 -14.84
C GLY A 332 19.67 -0.98 -15.08
N PRO A 333 19.66 -1.68 -16.21
CA PRO A 333 20.68 -2.70 -16.49
C PRO A 333 22.10 -2.14 -16.55
N LEU A 334 22.21 -0.85 -16.85
CA LEU A 334 23.50 -0.18 -16.96
C LEU A 334 24.08 0.15 -15.58
N LEU A 335 23.25 0.05 -14.56
CA LEU A 335 23.69 0.35 -13.21
C LEU A 335 24.29 -0.91 -12.58
N LEU A 336 23.94 -2.06 -13.15
CA LEU A 336 24.42 -3.36 -12.67
C LEU A 336 25.71 -3.79 -13.37
N THR A 337 26.63 -4.38 -12.62
CA THR A 337 27.88 -4.85 -13.22
C THR A 337 27.70 -6.26 -13.75
N GLU A 338 26.69 -6.96 -13.24
CA GLU A 338 26.34 -8.30 -13.68
C GLU A 338 24.82 -8.46 -13.54
N ASP A 339 24.19 -9.15 -14.47
CA ASP A 339 22.75 -9.35 -14.46
C ASP A 339 22.49 -10.84 -14.65
N ILE A 340 21.23 -11.23 -14.80
CA ILE A 340 20.90 -12.64 -14.98
C ILE A 340 20.42 -12.96 -16.40
N LEU A 341 20.75 -12.09 -17.35
CA LEU A 341 20.39 -12.32 -18.76
C LEU A 341 21.62 -12.77 -19.51
N ALA A 342 21.45 -13.74 -20.40
CA ALA A 342 22.56 -14.26 -21.20
C ALA A 342 23.18 -13.11 -21.99
N GLU A 343 22.32 -12.25 -22.52
CA GLU A 343 22.75 -11.09 -23.30
C GLU A 343 22.04 -9.86 -22.75
N PRO A 344 22.79 -8.81 -22.41
CA PRO A 344 22.16 -7.60 -21.87
C PRO A 344 21.43 -6.82 -22.95
N PRO A 345 20.53 -5.91 -22.55
CA PRO A 345 19.80 -5.10 -23.52
C PRO A 345 20.80 -4.31 -24.36
N VAL A 346 20.42 -3.93 -25.58
CA VAL A 346 21.31 -3.20 -26.45
C VAL A 346 21.15 -1.68 -26.38
N TYR A 347 22.22 -1.00 -25.96
CA TYR A 347 22.22 0.46 -25.86
C TYR A 347 23.24 1.04 -26.84
N ARG A 348 22.85 2.12 -27.52
CA ARG A 348 23.75 2.80 -28.45
C ARG A 348 23.09 4.08 -28.96
N ASP A 349 23.91 5.09 -29.19
CA ASP A 349 23.45 6.38 -29.69
C ASP A 349 22.23 6.94 -28.95
N PHE A 350 22.36 7.07 -27.63
CA PHE A 350 21.33 7.62 -26.77
C PHE A 350 20.04 6.83 -26.66
N HIS A 351 20.02 5.60 -27.19
CA HIS A 351 18.80 4.80 -27.14
C HIS A 351 18.99 3.36 -26.68
N LEU A 352 17.86 2.74 -26.35
CA LEU A 352 17.80 1.33 -25.97
C LEU A 352 17.13 0.74 -27.21
N HIS A 353 17.77 -0.25 -27.83
CA HIS A 353 17.21 -0.86 -29.03
C HIS A 353 16.58 -2.20 -28.72
N VAL A 354 15.28 -2.31 -28.99
CA VAL A 354 14.54 -3.54 -28.72
C VAL A 354 14.35 -4.43 -29.95
N SER A 355 14.74 -5.70 -29.82
CA SER A 355 14.64 -6.65 -30.92
C SER A 355 13.21 -7.12 -31.16
N LYS A 356 13.05 -7.91 -32.21
CA LYS A 356 11.74 -8.44 -32.57
C LYS A 356 11.67 -9.92 -32.23
N ALA A 357 12.51 -10.35 -31.29
CA ALA A 357 12.53 -11.74 -30.85
C ALA A 357 11.23 -12.01 -30.08
N PRO A 358 10.81 -13.28 -30.01
CA PRO A 358 9.58 -13.65 -29.30
C PRO A 358 9.63 -13.31 -27.80
N GLY A 359 8.46 -13.02 -27.23
CA GLY A 359 8.39 -12.69 -25.83
C GLY A 359 9.22 -11.45 -25.52
N LEU A 360 9.92 -11.48 -24.40
CA LEU A 360 10.77 -10.37 -24.00
C LEU A 360 12.13 -10.48 -24.68
N GLY A 361 12.25 -11.44 -25.60
CA GLY A 361 13.48 -11.64 -26.35
C GLY A 361 14.75 -11.79 -25.54
N LEU A 362 14.68 -12.53 -24.45
CA LEU A 362 15.87 -12.73 -23.61
C LEU A 362 15.98 -14.17 -23.14
N SER A 363 17.15 -14.51 -22.61
CA SER A 363 17.39 -15.86 -22.11
C SER A 363 18.08 -15.77 -20.75
N LEU A 364 17.62 -16.59 -19.81
CA LEU A 364 18.18 -16.59 -18.47
C LEU A 364 19.61 -17.10 -18.39
N ASP A 365 20.44 -16.44 -17.60
CA ASP A 365 21.82 -16.87 -17.39
C ASP A 365 21.74 -17.73 -16.12
N GLU A 366 21.52 -19.03 -16.30
CA GLU A 366 21.39 -19.96 -15.18
C GLU A 366 22.58 -19.95 -14.24
N GLU A 367 23.79 -19.80 -14.80
CA GLU A 367 25.01 -19.78 -13.99
C GLU A 367 25.01 -18.60 -13.03
N ARG A 368 24.71 -17.42 -13.56
CA ARG A 368 24.70 -16.24 -12.72
C ARG A 368 23.53 -16.26 -11.74
N LEU A 369 22.41 -16.85 -12.14
CA LEU A 369 21.26 -16.93 -11.24
C LEU A 369 21.63 -17.77 -10.02
N ALA A 370 22.29 -18.90 -10.27
CA ALA A 370 22.72 -19.80 -9.21
C ALA A 370 23.72 -19.12 -8.28
N PHE A 371 24.59 -18.29 -8.84
CA PHE A 371 25.61 -17.60 -8.06
C PHE A 371 25.06 -16.44 -7.23
N PHE A 372 24.15 -15.67 -7.81
CA PHE A 372 23.58 -14.50 -7.12
C PHE A 372 22.30 -14.69 -6.31
N ARG A 373 21.57 -15.78 -6.55
CA ARG A 373 20.33 -16.03 -5.82
C ARG A 373 20.61 -16.25 -4.34
N ARG A 374 19.60 -16.01 -3.51
CA ARG A 374 19.75 -16.20 -2.07
C ARG A 374 19.48 -17.65 -1.70
N HIS B 4 20.95 1.41 26.30
CA HIS B 4 19.96 1.99 27.26
C HIS B 4 19.39 0.90 28.16
N ALA B 5 19.00 1.29 29.38
CA ALA B 5 18.45 0.35 30.35
C ALA B 5 17.19 -0.34 29.83
N SER B 6 16.41 0.39 29.03
CA SER B 6 15.17 -0.14 28.46
C SER B 6 15.35 -0.48 26.98
N ALA B 7 16.60 -0.68 26.58
CA ALA B 7 16.91 -1.01 25.19
C ALA B 7 16.17 -2.25 24.73
N ILE B 8 15.67 -2.20 23.50
CA ILE B 8 14.95 -3.32 22.92
C ILE B 8 15.97 -4.42 22.61
N GLU B 9 15.74 -5.62 23.12
CA GLU B 9 16.66 -6.73 22.90
C GLU B 9 16.22 -7.71 21.83
N SER B 10 14.92 -7.92 21.71
CA SER B 10 14.42 -8.84 20.71
C SER B 10 12.98 -8.54 20.32
N ILE B 11 12.62 -8.94 19.11
CA ILE B 11 11.28 -8.77 18.59
C ILE B 11 10.94 -10.04 17.84
N GLU B 12 9.94 -10.77 18.34
CA GLU B 12 9.52 -12.00 17.72
C GLU B 12 8.10 -11.86 17.19
N THR B 13 7.87 -12.36 15.98
CA THR B 13 6.54 -12.32 15.38
C THR B 13 6.06 -13.75 15.24
N ILE B 14 4.82 -13.98 15.66
CA ILE B 14 4.24 -15.31 15.60
C ILE B 14 2.86 -15.28 14.97
N ILE B 15 2.69 -16.05 13.91
CA ILE B 15 1.41 -16.13 13.22
C ILE B 15 0.56 -17.18 13.93
N VAL B 16 -0.64 -16.77 14.36
CA VAL B 16 -1.54 -17.67 15.06
C VAL B 16 -2.85 -17.84 14.31
N ASP B 17 -3.26 -19.10 14.12
CA ASP B 17 -4.52 -19.38 13.43
C ASP B 17 -5.56 -19.76 14.46
N LEU B 18 -6.73 -19.14 14.37
CA LEU B 18 -7.81 -19.38 15.32
C LEU B 18 -9.19 -19.61 14.68
N PRO B 19 -10.02 -20.44 15.31
CA PRO B 19 -11.37 -20.75 14.81
C PRO B 19 -12.38 -19.65 15.14
N THR B 20 -13.39 -19.50 14.30
CA THR B 20 -14.43 -18.50 14.53
C THR B 20 -15.77 -19.18 14.80
N ILE B 21 -16.71 -18.45 15.39
CA ILE B 21 -18.02 -19.02 15.72
C ILE B 21 -18.92 -19.31 14.53
N ARG B 22 -18.65 -18.69 13.38
CA ARG B 22 -19.45 -18.91 12.18
C ARG B 22 -18.83 -18.16 11.01
N PRO B 23 -19.21 -18.55 9.77
CA PRO B 23 -18.67 -17.88 8.60
C PRO B 23 -19.08 -16.41 8.60
N HIS B 24 -18.14 -15.53 8.25
CA HIS B 24 -18.41 -14.10 8.23
C HIS B 24 -18.28 -13.64 6.78
N LYS B 25 -19.40 -13.28 6.17
CA LYS B 25 -19.41 -12.88 4.76
C LYS B 25 -19.28 -11.39 4.47
N LEU B 26 -18.14 -11.01 3.88
CA LEU B 26 -17.88 -9.64 3.48
C LEU B 26 -18.20 -9.56 1.98
N ALA B 27 -18.38 -8.35 1.48
CA ALA B 27 -18.69 -8.17 0.06
C ALA B 27 -17.66 -8.80 -0.87
N MET B 28 -16.41 -8.87 -0.41
CA MET B 28 -15.34 -9.43 -1.24
C MET B 28 -14.73 -10.73 -0.71
N HIS B 29 -15.15 -11.17 0.46
CA HIS B 29 -14.57 -12.38 1.05
C HIS B 29 -15.41 -12.98 2.17
N THR B 30 -15.42 -14.30 2.24
CA THR B 30 -16.15 -14.98 3.31
C THR B 30 -15.12 -15.60 4.25
N MET B 31 -15.08 -15.09 5.48
CA MET B 31 -14.13 -15.59 6.48
C MET B 31 -14.59 -16.91 7.06
N GLN B 32 -13.69 -17.90 7.08
CA GLN B 32 -14.01 -19.21 7.65
C GLN B 32 -13.32 -19.33 9.01
N ASN B 33 -12.34 -18.46 9.23
CA ASN B 33 -11.57 -18.43 10.48
C ASN B 33 -10.82 -17.10 10.51
N GLN B 34 -9.82 -16.98 11.39
CA GLN B 34 -9.04 -15.74 11.49
C GLN B 34 -7.59 -16.02 11.85
N THR B 35 -6.68 -15.18 11.36
CA THR B 35 -5.26 -15.33 11.62
C THR B 35 -4.68 -14.05 12.21
N LEU B 36 -3.95 -14.18 13.31
CA LEU B 36 -3.35 -13.02 13.96
C LEU B 36 -1.84 -13.10 13.94
N VAL B 37 -1.19 -11.94 14.03
CA VAL B 37 0.26 -11.91 14.10
C VAL B 37 0.60 -11.31 15.45
N LEU B 38 1.20 -12.14 16.31
CA LEU B 38 1.58 -11.69 17.63
C LEU B 38 2.98 -11.09 17.60
N ILE B 39 3.15 -9.96 18.27
CA ILE B 39 4.44 -9.31 18.36
C ILE B 39 4.89 -9.44 19.81
N ARG B 40 6.05 -10.05 20.03
CA ARG B 40 6.59 -10.17 21.39
C ARG B 40 7.85 -9.33 21.42
N LEU B 41 7.79 -8.22 22.14
CA LEU B 41 8.91 -7.31 22.23
C LEU B 41 9.50 -7.29 23.64
N ARG B 42 10.74 -7.74 23.77
CA ARG B 42 11.39 -7.78 25.08
C ARG B 42 12.49 -6.73 25.23
N CYS B 43 12.51 -6.09 26.39
CA CYS B 43 13.47 -5.04 26.68
C CYS B 43 14.52 -5.47 27.70
N ALA B 44 15.61 -4.71 27.78
CA ALA B 44 16.72 -5.00 28.69
C ALA B 44 16.31 -5.00 30.16
N ASP B 45 15.32 -4.19 30.52
CA ASP B 45 14.87 -4.12 31.90
C ASP B 45 13.94 -5.27 32.26
N GLY B 46 14.00 -6.34 31.47
CA GLY B 46 13.18 -7.51 31.73
C GLY B 46 11.68 -7.29 31.62
N ILE B 47 11.27 -6.52 30.61
CA ILE B 47 9.85 -6.26 30.41
C ILE B 47 9.46 -6.69 29.00
N GLU B 48 8.34 -7.40 28.90
CA GLU B 48 7.87 -7.84 27.60
C GLU B 48 6.58 -7.11 27.22
N GLY B 49 6.55 -6.59 26.01
CA GLY B 49 5.36 -5.91 25.53
C GLY B 49 4.73 -6.78 24.47
N LEU B 50 3.40 -6.83 24.46
CA LEU B 50 2.67 -7.64 23.49
C LEU B 50 1.87 -6.77 22.52
N GLY B 51 1.90 -7.13 21.25
CA GLY B 51 1.17 -6.38 20.25
C GLY B 51 0.53 -7.32 19.25
N GLU B 52 -0.38 -6.80 18.43
CA GLU B 52 -1.06 -7.64 17.45
C GLU B 52 -1.29 -6.92 16.13
N SER B 53 -1.01 -7.63 15.03
CA SER B 53 -1.22 -7.11 13.68
C SER B 53 -2.12 -8.13 13.01
N THR B 54 -3.37 -7.74 12.76
CA THR B 54 -4.32 -8.66 12.13
C THR B 54 -5.08 -7.99 10.99
N THR B 55 -5.41 -8.77 9.97
CA THR B 55 -6.16 -8.26 8.84
C THR B 55 -7.29 -9.23 8.53
N ILE B 56 -7.85 -9.13 7.32
CA ILE B 56 -8.96 -10.01 6.93
C ILE B 56 -8.77 -10.66 5.57
N GLY B 57 -8.95 -11.97 5.52
CA GLY B 57 -8.84 -12.72 4.28
C GLY B 57 -7.55 -12.68 3.48
N GLY B 58 -6.40 -12.77 4.15
CA GLY B 58 -5.14 -12.76 3.45
C GLY B 58 -4.80 -11.42 2.85
N LEU B 59 -5.04 -11.29 1.54
CA LEU B 59 -4.80 -10.05 0.82
C LEU B 59 -6.10 -9.56 0.19
N ALA B 60 -7.21 -10.17 0.58
CA ALA B 60 -8.52 -9.81 0.04
C ALA B 60 -8.99 -8.44 0.49
N TYR B 61 -8.51 -8.01 1.65
CA TYR B 61 -8.91 -6.74 2.21
C TYR B 61 -7.86 -5.65 1.98
N GLY B 62 -6.63 -5.92 2.40
CA GLY B 62 -5.55 -4.95 2.25
C GLY B 62 -4.31 -5.54 1.62
N ASN B 63 -3.28 -4.72 1.44
CA ASN B 63 -2.04 -5.19 0.81
C ASN B 63 -1.10 -5.98 1.72
N GLU B 64 -1.34 -5.95 3.02
CA GLU B 64 -0.48 -6.70 3.95
C GLU B 64 -1.20 -7.97 4.39
N SER B 65 -0.50 -9.10 4.34
CA SER B 65 -1.08 -10.36 4.76
C SER B 65 -0.38 -10.73 6.07
N PRO B 66 -0.95 -11.67 6.84
CA PRO B 66 -0.28 -12.01 8.09
C PRO B 66 1.17 -12.44 7.77
N ASP B 67 1.30 -13.12 6.64
CA ASP B 67 2.58 -13.64 6.18
C ASP B 67 3.60 -12.55 5.81
N SER B 68 3.16 -11.55 5.04
CA SER B 68 4.07 -10.48 4.63
C SER B 68 4.38 -9.56 5.81
N ILE B 69 3.45 -9.48 6.76
CA ILE B 69 3.66 -8.66 7.95
C ILE B 69 4.83 -9.27 8.72
N LYS B 70 4.80 -10.58 8.90
CA LYS B 70 5.88 -11.26 9.61
C LYS B 70 7.20 -11.05 8.87
N THR B 71 7.17 -11.21 7.55
CA THR B 71 8.37 -11.03 6.74
C THR B 71 8.98 -9.65 6.88
N ASN B 72 8.18 -8.61 6.69
CA ASN B 72 8.69 -7.25 6.78
C ASN B 72 9.10 -6.83 8.19
N ILE B 73 8.45 -7.35 9.21
CA ILE B 73 8.85 -7.01 10.58
C ILE B 73 10.20 -7.67 10.87
N ASP B 74 10.31 -8.96 10.61
CA ASP B 74 11.55 -9.69 10.88
C ASP B 74 12.75 -9.17 10.07
N ARG B 75 12.51 -8.91 8.78
CA ARG B 75 13.57 -8.46 7.88
C ARG B 75 13.90 -6.96 7.92
N PHE B 76 12.92 -6.11 8.22
CA PHE B 76 13.18 -4.67 8.24
C PHE B 76 12.92 -3.89 9.52
N VAL B 77 11.86 -4.22 10.24
CA VAL B 77 11.57 -3.51 11.49
C VAL B 77 12.50 -3.89 12.64
N ALA B 78 12.66 -5.19 12.87
CA ALA B 78 13.50 -5.67 13.96
C ALA B 78 14.91 -5.08 13.95
N PRO B 79 15.61 -5.13 12.80
CA PRO B 79 16.96 -4.59 12.69
C PRO B 79 17.04 -3.11 13.05
N LEU B 80 15.98 -2.37 12.74
CA LEU B 80 15.92 -0.94 13.04
C LEU B 80 15.71 -0.61 14.50
N LEU B 81 14.95 -1.45 15.20
CA LEU B 81 14.65 -1.19 16.60
C LEU B 81 15.50 -1.87 17.66
N ILE B 82 16.06 -3.03 17.35
CA ILE B 82 16.89 -3.71 18.34
C ILE B 82 18.06 -2.81 18.73
N GLY B 83 18.16 -2.50 20.01
CA GLY B 83 19.23 -1.64 20.49
C GLY B 83 18.70 -0.25 20.79
N GLN B 84 17.50 0.05 20.31
CA GLN B 84 16.89 1.35 20.55
C GLN B 84 16.19 1.36 21.90
N ASP B 85 16.09 2.54 22.50
CA ASP B 85 15.43 2.72 23.78
C ASP B 85 13.92 2.54 23.64
N ALA B 86 13.39 1.47 24.22
CA ALA B 86 11.96 1.17 24.15
C ALA B 86 11.10 2.16 24.92
N SER B 87 11.71 2.92 25.83
CA SER B 87 10.96 3.88 26.62
C SER B 87 10.61 5.16 25.87
N ASN B 88 11.23 5.37 24.71
CA ASN B 88 10.92 6.55 23.91
C ASN B 88 10.17 6.05 22.68
N ILE B 89 8.85 5.91 22.83
CA ILE B 89 8.02 5.40 21.76
C ILE B 89 7.95 6.32 20.54
N ASN B 90 7.82 7.62 20.77
CA ASN B 90 7.76 8.54 19.64
C ASN B 90 9.01 8.43 18.77
N ALA B 91 10.18 8.44 19.40
CA ALA B 91 11.44 8.34 18.64
C ALA B 91 11.52 7.03 17.86
N ALA B 92 11.06 5.95 18.48
CA ALA B 92 11.12 4.65 17.82
C ALA B 92 10.21 4.57 16.59
N MET B 93 8.98 5.04 16.73
CA MET B 93 8.05 5.00 15.62
C MET B 93 8.46 5.95 14.49
N LEU B 94 9.07 7.08 14.83
CA LEU B 94 9.53 8.02 13.80
C LEU B 94 10.74 7.44 13.08
N ARG B 95 11.54 6.65 13.81
CA ARG B 95 12.71 6.02 13.21
C ARG B 95 12.20 5.03 12.16
N LEU B 96 11.12 4.32 12.48
CA LEU B 96 10.55 3.37 11.53
C LEU B 96 9.98 4.09 10.32
N GLU B 97 9.26 5.18 10.58
CA GLU B 97 8.64 5.97 9.53
C GLU B 97 9.64 6.52 8.51
N GLN B 98 10.85 6.86 8.95
CA GLN B 98 11.81 7.41 8.02
C GLN B 98 12.42 6.37 7.08
N SER B 99 12.40 5.09 7.45
CA SER B 99 12.97 4.05 6.60
C SER B 99 11.95 3.07 6.05
N ILE B 100 10.72 3.11 6.55
CA ILE B 100 9.70 2.18 6.10
C ILE B 100 8.42 2.84 5.62
N ARG B 101 8.11 2.65 4.34
CA ARG B 101 6.92 3.23 3.74
C ARG B 101 5.75 2.27 3.91
N GLY B 102 4.57 2.81 4.23
CA GLY B 102 3.40 1.98 4.40
C GLY B 102 3.52 1.00 5.55
N ASN B 103 3.06 -0.22 5.34
CA ASN B 103 3.14 -1.25 6.37
C ASN B 103 2.53 -0.79 7.69
N THR B 104 1.36 -0.15 7.61
CA THR B 104 0.69 0.34 8.81
C THR B 104 0.24 -0.78 9.75
N PHE B 105 -0.20 -1.90 9.19
CA PHE B 105 -0.64 -3.02 10.04
C PHE B 105 0.53 -3.46 10.92
N ALA B 106 1.70 -3.62 10.31
CA ALA B 106 2.90 -4.03 11.03
C ALA B 106 3.28 -2.98 12.07
N LYS B 107 3.30 -1.71 11.65
CA LYS B 107 3.64 -0.62 12.57
C LYS B 107 2.68 -0.58 13.74
N SER B 108 1.41 -0.88 13.49
CA SER B 108 0.40 -0.87 14.55
C SER B 108 0.73 -1.90 15.64
N GLY B 109 1.12 -3.10 15.23
CA GLY B 109 1.46 -4.13 16.19
C GLY B 109 2.69 -3.78 17.01
N ILE B 110 3.67 -3.17 16.35
CA ILE B 110 4.90 -2.77 17.01
C ILE B 110 4.65 -1.70 18.06
N GLU B 111 3.89 -0.66 17.71
CA GLU B 111 3.62 0.40 18.67
C GLU B 111 2.79 -0.11 19.84
N SER B 112 1.87 -1.04 19.56
CA SER B 112 1.02 -1.59 20.61
C SER B 112 1.91 -2.30 21.64
N ALA B 113 2.91 -3.04 21.16
CA ALA B 113 3.83 -3.75 22.03
C ALA B 113 4.67 -2.77 22.85
N LEU B 114 5.14 -1.70 22.22
CA LEU B 114 5.93 -0.70 22.92
C LEU B 114 5.09 -0.04 24.01
N LEU B 115 3.83 0.24 23.70
CA LEU B 115 2.92 0.85 24.67
C LEU B 115 2.63 -0.10 25.84
N ASP B 116 2.46 -1.38 25.52
CA ASP B 116 2.19 -2.38 26.56
C ASP B 116 3.40 -2.41 27.50
N ALA B 117 4.59 -2.54 26.93
CA ALA B 117 5.82 -2.56 27.72
C ALA B 117 5.99 -1.29 28.55
N GLN B 118 5.77 -0.14 27.91
CA GLN B 118 5.90 1.14 28.60
C GLN B 118 4.90 1.28 29.74
N GLY B 119 3.70 0.72 29.54
CA GLY B 119 2.69 0.78 30.58
C GLY B 119 3.12 -0.04 31.78
N LYS B 120 3.68 -1.22 31.52
CA LYS B 120 4.17 -2.08 32.58
C LYS B 120 5.34 -1.39 33.28
N ARG B 121 6.19 -0.74 32.49
CA ARG B 121 7.35 -0.04 33.00
C ARG B 121 6.98 1.07 33.98
N LEU B 122 5.90 1.79 33.69
CA LEU B 122 5.47 2.89 34.56
C LEU B 122 4.31 2.49 35.47
N GLY B 123 3.81 1.27 35.30
CA GLY B 123 2.69 0.81 36.12
C GLY B 123 1.43 1.58 35.81
N LEU B 124 1.22 1.90 34.54
CA LEU B 124 0.05 2.65 34.11
C LEU B 124 -0.62 1.96 32.93
N PRO B 125 -1.96 2.07 32.83
CA PRO B 125 -2.57 1.42 31.67
C PRO B 125 -2.24 2.27 30.44
N VAL B 126 -2.29 1.67 29.26
CA VAL B 126 -1.99 2.41 28.04
C VAL B 126 -2.82 3.67 27.90
N SER B 127 -4.10 3.59 28.26
CA SER B 127 -5.00 4.75 28.16
C SER B 127 -4.43 5.97 28.89
N GLU B 128 -3.70 5.73 29.98
CA GLU B 128 -3.13 6.83 30.74
C GLU B 128 -1.85 7.36 30.09
N LEU B 129 -1.11 6.46 29.44
CA LEU B 129 0.11 6.85 28.73
C LEU B 129 -0.28 7.76 27.59
N LEU B 130 -1.46 7.50 27.01
CA LEU B 130 -1.97 8.26 25.88
C LEU B 130 -2.65 9.56 26.30
N GLY B 131 -2.61 9.88 27.58
CA GLY B 131 -3.21 11.12 28.04
C GLY B 131 -4.18 11.02 29.19
N GLY B 132 -4.92 9.92 29.26
CA GLY B 132 -5.89 9.73 30.32
C GLY B 132 -7.27 9.39 29.78
N ARG B 133 -7.93 8.44 30.42
CA ARG B 133 -9.26 8.02 29.98
C ARG B 133 -10.36 8.96 30.47
N VAL B 134 -11.46 8.99 29.72
CA VAL B 134 -12.61 9.80 30.11
C VAL B 134 -13.79 8.87 30.35
N ARG B 135 -13.54 7.58 30.26
CA ARG B 135 -14.55 6.55 30.48
C ARG B 135 -13.85 5.21 30.67
N ASP B 136 -14.55 4.25 31.27
CA ASP B 136 -13.98 2.92 31.50
C ASP B 136 -14.61 1.88 30.57
N ALA B 137 -15.73 2.23 29.96
CA ALA B 137 -16.43 1.30 29.09
C ALA B 137 -16.74 1.87 27.72
N LEU B 138 -16.75 1.01 26.72
CA LEU B 138 -17.03 1.41 25.35
C LEU B 138 -18.19 0.59 24.79
N PRO B 139 -19.15 1.27 24.14
CA PRO B 139 -20.29 0.54 23.56
C PRO B 139 -19.76 -0.29 22.40
N VAL B 140 -20.27 -1.51 22.27
CA VAL B 140 -19.80 -2.39 21.20
C VAL B 140 -20.90 -2.91 20.29
N ALA B 141 -20.78 -2.60 18.99
CA ALA B 141 -21.75 -3.03 18.01
C ALA B 141 -21.40 -4.45 17.56
N TRP B 142 -22.34 -5.10 16.89
CA TRP B 142 -22.15 -6.47 16.41
C TRP B 142 -22.47 -6.53 14.91
N THR B 143 -21.67 -7.28 14.17
CA THR B 143 -21.89 -7.40 12.73
C THR B 143 -22.69 -8.64 12.33
N LEU B 144 -23.72 -8.41 11.52
CA LEU B 144 -24.57 -9.48 11.02
C LEU B 144 -24.08 -9.77 9.60
N ALA B 145 -23.54 -10.96 9.37
CA ALA B 145 -23.03 -11.33 8.06
C ALA B 145 -23.05 -12.83 7.81
N SER B 146 -24.14 -13.48 8.20
CA SER B 146 -24.27 -14.92 8.00
C SER B 146 -24.64 -15.19 6.55
N GLY B 147 -25.19 -14.19 5.88
CA GLY B 147 -25.58 -14.35 4.49
C GLY B 147 -27.03 -14.80 4.38
N ASP B 148 -27.73 -14.83 5.52
CA ASP B 148 -29.13 -15.25 5.56
C ASP B 148 -29.92 -14.26 6.40
N THR B 149 -31.00 -13.71 5.83
CA THR B 149 -31.83 -12.75 6.54
C THR B 149 -32.44 -13.28 7.82
N ALA B 150 -33.03 -14.47 7.76
CA ALA B 150 -33.65 -15.08 8.92
C ALA B 150 -32.62 -15.34 10.02
N LYS B 151 -31.46 -15.85 9.61
CA LYS B 151 -30.40 -16.15 10.57
C LYS B 151 -29.89 -14.85 11.21
N ASP B 152 -29.76 -13.79 10.43
CA ASP B 152 -29.27 -12.52 10.97
C ASP B 152 -30.26 -11.93 11.99
N ILE B 153 -31.55 -11.95 11.67
CA ILE B 153 -32.55 -11.41 12.58
C ILE B 153 -32.52 -12.17 13.90
N ALA B 154 -32.46 -13.49 13.82
CA ALA B 154 -32.43 -14.32 15.01
C ALA B 154 -31.21 -14.01 15.87
N GLU B 155 -30.05 -13.88 15.22
CA GLU B 155 -28.81 -13.59 15.95
C GLU B 155 -28.89 -12.23 16.62
N ALA B 156 -29.45 -11.25 15.92
CA ALA B 156 -29.59 -9.91 16.49
C ALA B 156 -30.49 -9.94 17.71
N GLN B 157 -31.63 -10.62 17.60
CA GLN B 157 -32.56 -10.69 18.71
C GLN B 157 -31.90 -11.37 19.91
N LYS B 158 -31.06 -12.36 19.64
CA LYS B 158 -30.35 -13.06 20.72
C LYS B 158 -29.41 -12.11 21.45
N MET B 159 -28.63 -11.34 20.70
CA MET B 159 -27.69 -10.40 21.32
C MET B 159 -28.44 -9.35 22.15
N LEU B 160 -29.64 -8.99 21.71
CA LEU B 160 -30.44 -8.03 22.45
C LEU B 160 -30.92 -8.66 23.76
N ASP B 161 -31.45 -9.87 23.67
CA ASP B 161 -31.95 -10.55 24.86
C ASP B 161 -30.85 -10.83 25.88
N LEU B 162 -29.66 -11.16 25.40
CA LEU B 162 -28.54 -11.43 26.28
C LEU B 162 -27.83 -10.16 26.73
N ARG B 163 -28.35 -9.01 26.30
CA ARG B 163 -27.77 -7.71 26.64
C ARG B 163 -26.30 -7.65 26.25
N ARG B 164 -25.99 -8.20 25.09
CA ARG B 164 -24.62 -8.21 24.57
C ARG B 164 -24.41 -7.05 23.61
N HIS B 165 -25.37 -6.87 22.70
CA HIS B 165 -25.27 -5.80 21.71
C HIS B 165 -26.66 -5.26 21.34
N ARG B 166 -26.73 -3.98 20.99
CA ARG B 166 -27.98 -3.35 20.60
C ARG B 166 -27.77 -2.44 19.40
N ILE B 167 -26.57 -2.52 18.83
CA ILE B 167 -26.19 -1.75 17.64
C ILE B 167 -25.72 -2.82 16.66
N PHE B 168 -26.29 -2.84 15.46
CA PHE B 168 -25.92 -3.86 14.48
C PHE B 168 -25.44 -3.33 13.15
N LYS B 169 -24.35 -3.94 12.67
CA LYS B 169 -23.75 -3.57 11.39
C LYS B 169 -23.98 -4.70 10.40
N LEU B 170 -24.63 -4.39 9.30
CA LEU B 170 -24.93 -5.39 8.28
C LEU B 170 -24.01 -5.29 7.07
N LYS B 171 -23.35 -6.40 6.77
CA LYS B 171 -22.45 -6.48 5.62
C LYS B 171 -23.27 -6.73 4.37
N ILE B 172 -23.09 -5.88 3.35
CA ILE B 172 -23.81 -6.05 2.09
C ILE B 172 -22.86 -5.68 0.94
N GLY B 173 -23.32 -5.91 -0.29
CA GLY B 173 -22.49 -5.58 -1.44
C GLY B 173 -22.10 -6.79 -2.26
N ALA B 174 -22.28 -7.98 -1.71
CA ALA B 174 -21.93 -9.20 -2.41
C ALA B 174 -23.01 -9.64 -3.39
N GLY B 175 -24.26 -9.28 -3.10
CA GLY B 175 -25.34 -9.68 -3.98
C GLY B 175 -25.92 -8.58 -4.84
N GLU B 176 -27.05 -8.88 -5.49
CA GLU B 176 -27.72 -7.90 -6.33
C GLU B 176 -28.17 -6.82 -5.36
N VAL B 177 -28.08 -5.56 -5.78
CA VAL B 177 -28.45 -4.46 -4.90
C VAL B 177 -29.84 -4.56 -4.26
N ASP B 178 -30.87 -4.80 -5.07
CA ASP B 178 -32.22 -4.89 -4.52
C ASP B 178 -32.37 -6.01 -3.50
N ARG B 179 -31.67 -7.11 -3.69
CA ARG B 179 -31.73 -8.22 -2.75
C ARG B 179 -31.11 -7.80 -1.42
N ASP B 180 -29.97 -7.12 -1.48
CA ASP B 180 -29.29 -6.66 -0.27
C ASP B 180 -30.11 -5.61 0.48
N LEU B 181 -30.75 -4.70 -0.27
CA LEU B 181 -31.58 -3.68 0.35
C LEU B 181 -32.77 -4.30 1.08
N ALA B 182 -33.42 -5.28 0.44
CA ALA B 182 -34.57 -5.95 1.05
C ALA B 182 -34.11 -6.64 2.32
N HIS B 183 -32.92 -7.23 2.25
CA HIS B 183 -32.31 -7.92 3.39
C HIS B 183 -32.18 -6.94 4.55
N VAL B 184 -31.55 -5.81 4.29
CA VAL B 184 -31.34 -4.78 5.30
C VAL B 184 -32.63 -4.21 5.85
N ILE B 185 -33.57 -3.87 4.97
CA ILE B 185 -34.85 -3.30 5.37
C ILE B 185 -35.63 -4.29 6.26
N ALA B 186 -35.58 -5.57 5.90
CA ALA B 186 -36.29 -6.60 6.66
C ALA B 186 -35.72 -6.72 8.07
N ILE B 187 -34.41 -6.62 8.19
CA ILE B 187 -33.76 -6.71 9.50
C ILE B 187 -34.16 -5.54 10.38
N LYS B 188 -34.10 -4.32 9.84
CA LYS B 188 -34.47 -3.15 10.61
C LYS B 188 -35.94 -3.20 11.03
N LYS B 189 -36.80 -3.67 10.12
CA LYS B 189 -38.23 -3.77 10.41
C LYS B 189 -38.49 -4.71 11.58
N ALA B 190 -37.79 -5.84 11.58
CA ALA B 190 -37.94 -6.83 12.62
C ALA B 190 -37.44 -6.32 13.97
N LEU B 191 -36.36 -5.54 13.98
CA LEU B 191 -35.81 -5.02 15.22
C LEU B 191 -36.47 -3.72 15.69
N GLY B 192 -36.99 -2.94 14.75
CA GLY B 192 -37.64 -1.70 15.12
C GLY B 192 -36.71 -0.77 15.90
N ASP B 193 -37.25 -0.05 16.87
CA ASP B 193 -36.49 0.90 17.66
C ASP B 193 -35.62 0.28 18.75
N SER B 194 -35.66 -1.05 18.87
CA SER B 194 -34.87 -1.72 19.89
C SER B 194 -33.38 -1.73 19.55
N ALA B 195 -33.06 -1.45 18.29
CA ALA B 195 -31.67 -1.45 17.86
C ALA B 195 -31.36 -0.44 16.77
N SER B 196 -30.08 -0.07 16.70
CA SER B 196 -29.59 0.85 15.67
C SER B 196 -29.02 -0.04 14.58
N VAL B 197 -29.48 0.16 13.35
CA VAL B 197 -29.01 -0.65 12.24
C VAL B 197 -28.20 0.20 11.25
N ARG B 198 -27.00 -0.27 10.94
CA ARG B 198 -26.11 0.42 10.00
C ARG B 198 -25.67 -0.61 8.97
N VAL B 199 -25.13 -0.15 7.85
CA VAL B 199 -24.65 -1.07 6.81
C VAL B 199 -23.21 -0.75 6.43
N ASP B 200 -22.51 -1.75 5.91
CA ASP B 200 -21.14 -1.60 5.45
C ASP B 200 -21.10 -2.29 4.09
N VAL B 201 -20.78 -1.53 3.04
CA VAL B 201 -20.74 -2.07 1.69
C VAL B 201 -19.33 -2.45 1.24
N ASN B 202 -18.34 -2.15 2.07
CA ASN B 202 -16.94 -2.47 1.74
C ASN B 202 -16.55 -2.07 0.31
N GLN B 203 -16.91 -0.86 -0.10
CA GLN B 203 -16.58 -0.33 -1.43
C GLN B 203 -17.26 -1.02 -2.62
N ALA B 204 -18.14 -1.98 -2.35
CA ALA B 204 -18.76 -2.76 -3.41
C ALA B 204 -19.60 -2.09 -4.49
N TRP B 205 -20.23 -0.96 -4.19
CA TRP B 205 -21.08 -0.31 -5.18
C TRP B 205 -20.41 0.72 -6.09
N ASP B 206 -21.00 0.90 -7.27
CA ASP B 206 -20.55 1.94 -8.19
C ASP B 206 -21.39 3.12 -7.74
N GLU B 207 -20.93 4.34 -8.01
CA GLU B 207 -21.69 5.52 -7.62
C GLU B 207 -23.10 5.50 -8.21
N ALA B 208 -23.23 5.02 -9.45
CA ALA B 208 -24.52 4.94 -10.12
C ALA B 208 -25.54 4.11 -9.33
N VAL B 209 -25.05 3.11 -8.61
CA VAL B 209 -25.91 2.25 -7.79
C VAL B 209 -26.12 2.87 -6.42
N ALA B 210 -25.04 3.38 -5.83
CA ALA B 210 -25.10 3.99 -4.50
C ALA B 210 -26.01 5.20 -4.40
N LEU B 211 -26.06 6.03 -5.43
CA LEU B 211 -26.89 7.22 -5.37
C LEU B 211 -28.36 6.87 -5.13
N ARG B 212 -28.79 5.72 -5.61
CA ARG B 212 -30.17 5.29 -5.41
C ARG B 212 -30.28 4.49 -4.11
N ALA B 213 -29.35 3.56 -3.89
CA ALA B 213 -29.36 2.73 -2.70
C ALA B 213 -29.32 3.54 -1.40
N CYS B 214 -28.49 4.57 -1.35
CA CYS B 214 -28.39 5.38 -0.14
C CYS B 214 -29.70 6.08 0.16
N ARG B 215 -30.39 6.54 -0.89
CA ARG B 215 -31.67 7.21 -0.71
C ARG B 215 -32.67 6.23 -0.09
N ILE B 216 -32.66 4.98 -0.57
CA ILE B 216 -33.57 3.96 -0.07
C ILE B 216 -33.25 3.58 1.38
N LEU B 217 -31.98 3.36 1.68
CA LEU B 217 -31.58 3.00 3.03
C LEU B 217 -31.94 4.10 4.02
N GLY B 218 -31.65 5.35 3.65
CA GLY B 218 -31.95 6.47 4.52
C GLY B 218 -33.44 6.62 4.80
N GLY B 219 -34.27 6.25 3.84
CA GLY B 219 -35.70 6.36 4.03
C GLY B 219 -36.28 5.18 4.77
N ASN B 220 -35.44 4.21 5.13
CA ASN B 220 -35.92 3.03 5.82
C ASN B 220 -35.29 2.77 7.19
N GLY B 221 -34.89 3.85 7.86
CA GLY B 221 -34.32 3.73 9.19
C GLY B 221 -32.91 3.22 9.36
N ILE B 222 -32.10 3.28 8.31
CA ILE B 222 -30.72 2.83 8.42
C ILE B 222 -29.95 4.07 8.88
N ASP B 223 -29.24 3.95 10.00
CA ASP B 223 -28.54 5.08 10.62
C ASP B 223 -27.21 5.54 10.03
N LEU B 224 -26.47 4.64 9.38
CA LEU B 224 -25.17 5.00 8.84
C LEU B 224 -24.83 4.11 7.65
N ILE B 225 -24.15 4.66 6.65
CA ILE B 225 -23.77 3.89 5.48
C ILE B 225 -22.25 3.94 5.37
N GLU B 226 -21.61 2.81 5.66
CA GLU B 226 -20.16 2.74 5.63
C GLU B 226 -19.57 2.40 4.26
N GLN B 227 -18.61 3.22 3.84
CA GLN B 227 -17.87 3.07 2.58
C GLN B 227 -18.67 2.42 1.45
N PRO B 228 -19.71 3.11 0.96
CA PRO B 228 -20.53 2.54 -0.12
C PRO B 228 -19.81 2.28 -1.43
N ILE B 229 -18.83 3.12 -1.76
CA ILE B 229 -18.13 2.97 -3.01
C ILE B 229 -16.61 2.96 -2.88
N SER B 230 -15.94 2.75 -3.99
CA SER B 230 -14.49 2.69 -4.01
C SER B 230 -13.83 3.96 -3.47
N ARG B 231 -12.77 3.78 -2.70
CA ARG B 231 -12.01 4.89 -2.16
C ARG B 231 -11.39 5.67 -3.31
N ASN B 232 -11.31 5.05 -4.49
CA ASN B 232 -10.73 5.70 -5.66
C ASN B 232 -11.70 6.69 -6.32
N ASN B 233 -12.99 6.55 -6.06
CA ASN B 233 -13.93 7.52 -6.64
C ASN B 233 -14.04 8.63 -5.62
N ARG B 234 -12.99 9.46 -5.56
CA ARG B 234 -12.93 10.56 -4.60
C ARG B 234 -14.06 11.57 -4.81
N ALA B 235 -14.28 12.00 -6.04
CA ALA B 235 -15.33 12.96 -6.33
C ALA B 235 -16.71 12.38 -6.05
N GLY B 236 -16.87 11.07 -6.30
CA GLY B 236 -18.15 10.44 -6.08
C GLY B 236 -18.53 10.38 -4.61
N MET B 237 -17.55 10.15 -3.74
CA MET B 237 -17.84 10.10 -2.32
C MET B 237 -18.38 11.46 -1.87
N VAL B 238 -17.76 12.53 -2.36
CA VAL B 238 -18.21 13.87 -2.01
C VAL B 238 -19.65 14.06 -2.47
N ARG B 239 -19.93 13.72 -3.73
CA ARG B 239 -21.28 13.86 -4.27
C ARG B 239 -22.32 13.04 -3.49
N LEU B 240 -21.97 11.82 -3.10
CA LEU B 240 -22.91 10.98 -2.34
C LEU B 240 -23.26 11.57 -0.98
N ASN B 241 -22.32 12.27 -0.35
CA ASN B 241 -22.60 12.88 0.94
C ASN B 241 -23.73 13.89 0.81
N ALA B 242 -23.79 14.55 -0.35
CA ALA B 242 -24.82 15.54 -0.63
C ALA B 242 -26.19 14.94 -0.95
N SER B 243 -26.20 13.85 -1.71
CA SER B 243 -27.47 13.22 -2.08
C SER B 243 -28.00 12.24 -1.05
N SER B 244 -27.13 11.69 -0.21
CA SER B 244 -27.59 10.73 0.79
C SER B 244 -28.21 11.37 2.03
N PRO B 245 -29.44 10.98 2.36
CA PRO B 245 -30.14 11.51 3.52
C PRO B 245 -29.60 10.87 4.81
N ALA B 246 -28.75 9.87 4.63
CA ALA B 246 -28.13 9.19 5.77
C ALA B 246 -26.64 9.49 5.74
N PRO B 247 -26.02 9.65 6.92
CA PRO B 247 -24.59 9.94 6.92
C PRO B 247 -23.73 8.80 6.38
N ILE B 248 -22.65 9.18 5.71
CA ILE B 248 -21.72 8.21 5.13
C ILE B 248 -20.43 8.20 5.95
N MET B 249 -19.91 7.01 6.19
CA MET B 249 -18.69 6.84 6.96
C MET B 249 -17.55 6.32 6.09
N ALA B 250 -16.38 6.95 6.22
CA ALA B 250 -15.22 6.52 5.48
C ALA B 250 -14.48 5.48 6.31
N ASP B 251 -14.08 4.38 5.66
CA ASP B 251 -13.30 3.35 6.34
C ASP B 251 -12.10 3.04 5.45
N GLU B 252 -12.31 2.27 4.38
CA GLU B 252 -11.21 1.94 3.48
C GLU B 252 -10.54 3.17 2.88
N SER B 253 -11.28 4.28 2.81
CA SER B 253 -10.72 5.52 2.26
C SER B 253 -9.56 6.03 3.11
N ILE B 254 -9.51 5.58 4.36
CA ILE B 254 -8.43 5.99 5.24
C ILE B 254 -7.38 4.88 5.32
N GLU B 255 -6.23 5.09 4.69
CA GLU B 255 -5.14 4.11 4.73
C GLU B 255 -3.90 4.73 5.36
N CYS B 256 -4.08 5.94 5.91
CA CYS B 256 -3.01 6.67 6.61
C CYS B 256 -3.62 7.96 7.16
N VAL B 257 -2.91 8.60 8.08
CA VAL B 257 -3.40 9.83 8.70
C VAL B 257 -3.65 10.92 7.65
N GLU B 258 -2.76 11.03 6.67
CA GLU B 258 -2.91 12.04 5.63
C GLU B 258 -4.21 11.88 4.83
N ASP B 259 -4.66 10.64 4.65
CA ASP B 259 -5.91 10.39 3.94
C ASP B 259 -7.05 11.04 4.70
N ALA B 260 -7.00 10.93 6.03
CA ALA B 260 -8.03 11.51 6.87
C ALA B 260 -8.12 13.01 6.63
N PHE B 261 -6.98 13.68 6.51
CA PHE B 261 -7.01 15.11 6.27
C PHE B 261 -7.63 15.41 4.90
N ASN B 262 -7.16 14.73 3.87
CA ASN B 262 -7.69 14.97 2.53
C ASN B 262 -9.18 14.69 2.40
N LEU B 263 -9.67 13.65 3.08
CA LEU B 263 -11.10 13.35 3.05
C LEU B 263 -11.89 14.46 3.72
N ALA B 264 -11.35 14.97 4.83
CA ALA B 264 -11.99 16.05 5.57
C ALA B 264 -11.99 17.31 4.70
N ARG B 265 -10.86 17.56 4.04
CA ARG B 265 -10.75 18.74 3.17
C ARG B 265 -11.76 18.70 2.03
N GLU B 266 -11.89 17.53 1.42
CA GLU B 266 -12.79 17.38 0.28
C GLU B 266 -14.26 17.22 0.66
N GLY B 267 -14.51 16.77 1.89
CA GLY B 267 -15.87 16.56 2.35
C GLY B 267 -16.38 15.20 1.88
N ALA B 268 -15.51 14.20 1.95
CA ALA B 268 -15.83 12.85 1.49
C ALA B 268 -16.70 12.00 2.42
N ALA B 269 -16.80 12.37 3.69
CA ALA B 269 -17.62 11.64 4.65
C ALA B 269 -17.84 12.46 5.92
N SER B 270 -18.95 12.21 6.61
CA SER B 270 -19.26 12.95 7.83
C SER B 270 -18.89 12.18 9.10
N VAL B 271 -18.44 10.94 8.92
CA VAL B 271 -18.02 10.08 10.03
C VAL B 271 -16.77 9.33 9.56
N PHE B 272 -15.80 9.17 10.45
CA PHE B 272 -14.57 8.43 10.11
C PHE B 272 -14.45 7.21 11.01
N ALA B 273 -14.13 6.07 10.43
CA ALA B 273 -13.89 4.87 11.21
C ALA B 273 -12.44 5.01 11.67
N LEU B 274 -12.16 4.68 12.92
CA LEU B 274 -10.81 4.76 13.47
C LEU B 274 -10.24 3.35 13.67
N LYS B 275 -9.22 3.00 12.88
CA LYS B 275 -8.60 1.69 12.99
C LYS B 275 -7.10 1.82 13.21
N ILE B 276 -6.59 1.24 14.28
CA ILE B 276 -5.16 1.35 14.54
C ILE B 276 -4.33 0.70 13.43
N ALA B 277 -4.86 -0.38 12.85
CA ALA B 277 -4.16 -1.07 11.78
C ALA B 277 -3.99 -0.22 10.52
N LYS B 278 -5.00 0.59 10.21
CA LYS B 278 -4.98 1.42 9.00
C LYS B 278 -4.17 2.70 9.16
N ASN B 279 -3.98 3.15 10.40
CA ASN B 279 -3.25 4.38 10.66
C ASN B 279 -1.82 4.17 11.10
N GLY B 280 -1.53 2.98 11.64
CA GLY B 280 -0.18 2.70 12.09
C GLY B 280 -0.03 2.67 13.61
N GLY B 281 -1.09 2.32 14.32
CA GLY B 281 -1.02 2.23 15.77
C GLY B 281 -1.93 3.19 16.52
N PRO B 282 -2.09 2.98 17.85
CA PRO B 282 -2.93 3.84 18.69
C PRO B 282 -2.64 5.34 18.60
N ARG B 283 -1.36 5.70 18.58
CA ARG B 283 -0.98 7.11 18.50
C ARG B 283 -1.33 7.77 17.18
N ALA B 284 -1.04 7.09 16.06
CA ALA B 284 -1.36 7.64 14.75
C ALA B 284 -2.88 7.74 14.63
N THR B 285 -3.57 6.77 15.22
CA THR B 285 -5.03 6.77 15.17
C THR B 285 -5.59 7.97 15.94
N LEU B 286 -4.89 8.39 16.99
CA LEU B 286 -5.36 9.55 17.74
C LEU B 286 -5.12 10.82 16.93
N ARG B 287 -4.12 10.81 16.04
CA ARG B 287 -3.88 11.99 15.20
C ARG B 287 -5.03 12.07 14.19
N THR B 288 -5.46 10.93 13.68
CA THR B 288 -6.57 10.89 12.73
C THR B 288 -7.84 11.38 13.44
N ALA B 289 -8.04 10.97 14.69
CA ALA B 289 -9.21 11.40 15.44
C ALA B 289 -9.16 12.91 15.67
N ALA B 290 -7.97 13.45 15.94
CA ALA B 290 -7.81 14.88 16.17
C ALA B 290 -8.17 15.67 14.91
N ILE B 291 -7.81 15.13 13.76
CA ILE B 291 -8.11 15.78 12.48
C ILE B 291 -9.62 15.76 12.29
N ALA B 292 -10.24 14.61 12.52
CA ALA B 292 -11.68 14.47 12.37
C ALA B 292 -12.42 15.42 13.30
N GLU B 293 -12.00 15.46 14.57
CA GLU B 293 -12.65 16.34 15.54
C GLU B 293 -12.52 17.80 15.10
N ALA B 294 -11.33 18.18 14.64
CA ALA B 294 -11.09 19.55 14.21
C ALA B 294 -11.99 19.92 13.03
N ALA B 295 -12.35 18.93 12.23
CA ALA B 295 -13.19 19.15 11.06
C ALA B 295 -14.68 18.96 11.31
N GLY B 296 -15.04 18.59 12.55
CA GLY B 296 -16.45 18.39 12.87
C GLY B 296 -17.00 17.05 12.38
N ILE B 297 -16.10 16.10 12.15
CA ILE B 297 -16.46 14.78 11.66
C ILE B 297 -16.64 13.79 12.82
N GLY B 298 -17.71 13.00 12.76
CA GLY B 298 -17.98 12.02 13.80
C GLY B 298 -16.96 10.91 13.87
N LEU B 299 -16.83 10.30 15.05
CA LEU B 299 -15.87 9.21 15.25
C LEU B 299 -16.54 7.87 15.52
N TYR B 300 -15.90 6.81 15.04
CA TYR B 300 -16.37 5.44 15.20
C TYR B 300 -15.16 4.59 15.54
N GLY B 301 -15.26 3.79 16.60
CA GLY B 301 -14.14 2.95 16.98
C GLY B 301 -14.16 1.70 16.13
N GLY B 302 -13.30 1.66 15.11
CA GLY B 302 -13.27 0.51 14.20
C GLY B 302 -12.34 -0.63 14.56
N THR B 303 -12.48 -1.74 13.84
CA THR B 303 -11.65 -2.93 14.05
C THR B 303 -11.35 -3.66 12.75
N MET B 304 -10.27 -4.45 12.76
CA MET B 304 -9.91 -5.28 11.61
C MET B 304 -10.09 -6.72 12.10
N LEU B 305 -10.99 -6.86 13.07
CA LEU B 305 -11.31 -8.15 13.68
C LEU B 305 -10.13 -8.77 14.41
N GLU B 306 -9.46 -7.95 15.22
CA GLU B 306 -8.32 -8.38 16.01
C GLU B 306 -8.79 -9.19 17.21
N GLY B 307 -7.86 -9.91 17.81
CA GLY B 307 -8.18 -10.70 19.00
C GLY B 307 -8.08 -9.74 20.18
N GLY B 308 -7.96 -10.29 21.38
CA GLY B 308 -7.88 -9.46 22.57
C GLY B 308 -6.77 -8.43 22.65
N ILE B 309 -5.59 -8.76 22.15
CA ILE B 309 -4.48 -7.81 22.21
C ILE B 309 -4.74 -6.55 21.38
N GLY B 310 -5.03 -6.74 20.10
CA GLY B 310 -5.29 -5.62 19.21
C GLY B 310 -6.57 -4.89 19.55
N THR B 311 -7.54 -5.62 20.09
CA THR B 311 -8.80 -5.02 20.47
C THR B 311 -8.58 -4.09 21.66
N LEU B 312 -7.80 -4.53 22.64
CA LEU B 312 -7.53 -3.69 23.81
C LEU B 312 -6.59 -2.55 23.49
N ALA B 313 -5.69 -2.74 22.53
CA ALA B 313 -4.77 -1.67 22.14
C ALA B 313 -5.62 -0.55 21.55
N SER B 314 -6.64 -0.95 20.78
CA SER B 314 -7.57 -0.01 20.17
C SER B 314 -8.41 0.65 21.26
N ALA B 315 -8.96 -0.18 22.13
CA ALA B 315 -9.80 0.31 23.21
C ALA B 315 -9.13 1.38 24.07
N HIS B 316 -7.88 1.14 24.47
CA HIS B 316 -7.18 2.12 25.31
C HIS B 316 -7.06 3.49 24.65
N ALA B 317 -6.96 3.51 23.33
CA ALA B 317 -6.88 4.76 22.61
C ALA B 317 -8.26 5.42 22.61
N PHE B 318 -9.29 4.64 22.32
CA PHE B 318 -10.66 5.17 22.27
C PHE B 318 -11.15 5.70 23.64
N LEU B 319 -10.59 5.19 24.72
CA LEU B 319 -11.00 5.66 26.05
C LEU B 319 -10.64 7.13 26.27
N THR B 320 -9.65 7.63 25.54
CA THR B 320 -9.22 9.02 25.70
C THR B 320 -10.00 10.02 24.86
N LEU B 321 -10.86 9.54 23.96
CA LEU B 321 -11.63 10.44 23.11
C LEU B 321 -12.82 11.07 23.80
N ASN B 322 -12.95 12.38 23.66
CA ASN B 322 -14.06 13.09 24.28
C ASN B 322 -15.39 12.43 23.92
N LYS B 323 -15.54 12.08 22.65
CA LYS B 323 -16.78 11.44 22.22
C LYS B 323 -16.66 10.58 20.97
N LEU B 324 -17.25 9.39 21.03
CA LEU B 324 -17.29 8.45 19.93
C LEU B 324 -18.78 8.41 19.58
N SER B 325 -19.23 9.45 18.88
CA SER B 325 -20.64 9.57 18.51
C SER B 325 -21.28 8.37 17.83
N TRP B 326 -20.49 7.57 17.14
CA TRP B 326 -21.05 6.42 16.46
C TRP B 326 -20.66 5.08 17.08
N ASP B 327 -20.17 5.16 18.32
CA ASP B 327 -19.80 3.99 19.11
C ASP B 327 -18.58 3.24 18.56
N THR B 328 -18.50 1.94 18.83
CA THR B 328 -17.39 1.12 18.34
C THR B 328 -17.86 -0.26 17.90
N GLU B 329 -16.97 -0.99 17.24
CA GLU B 329 -17.24 -2.35 16.78
C GLU B 329 -16.14 -3.26 17.29
N LEU B 330 -15.72 -3.05 18.53
CA LEU B 330 -14.66 -3.86 19.10
C LEU B 330 -15.17 -5.22 19.59
N PHE B 331 -15.66 -6.03 18.65
CA PHE B 331 -16.20 -7.36 18.98
C PHE B 331 -15.31 -8.50 18.48
N GLY B 332 -14.17 -8.15 17.90
CA GLY B 332 -13.25 -9.16 17.38
C GLY B 332 -13.05 -10.39 18.25
N PRO B 333 -12.74 -10.22 19.54
CA PRO B 333 -12.53 -11.37 20.44
C PRO B 333 -13.76 -12.27 20.58
N LEU B 334 -14.93 -11.71 20.28
CA LEU B 334 -16.20 -12.44 20.38
C LEU B 334 -16.52 -13.24 19.13
N LEU B 335 -15.91 -12.85 18.01
CA LEU B 335 -16.14 -13.56 16.75
C LEU B 335 -15.24 -14.79 16.76
N LEU B 336 -14.17 -14.72 17.54
CA LEU B 336 -13.22 -15.81 17.67
C LEU B 336 -13.74 -16.78 18.72
N THR B 337 -13.59 -18.07 18.47
CA THR B 337 -14.04 -19.08 19.41
C THR B 337 -12.88 -19.35 20.37
N GLU B 338 -11.70 -18.86 20.00
CA GLU B 338 -10.51 -19.05 20.82
C GLU B 338 -9.52 -17.90 20.60
N ASP B 339 -8.76 -17.57 21.64
CA ASP B 339 -7.77 -16.49 21.56
C ASP B 339 -6.49 -17.00 22.23
N ILE B 340 -5.55 -16.10 22.50
CA ILE B 340 -4.30 -16.47 23.13
C ILE B 340 -4.06 -15.75 24.47
N LEU B 341 -5.12 -15.21 25.04
CA LEU B 341 -5.03 -14.51 26.32
C LEU B 341 -5.48 -15.42 27.45
N ALA B 342 -4.87 -15.25 28.62
CA ALA B 342 -5.23 -16.05 29.78
C ALA B 342 -6.67 -15.70 30.16
N GLU B 343 -7.00 -14.41 30.04
CA GLU B 343 -8.33 -13.93 30.35
C GLU B 343 -8.79 -13.05 29.18
N PRO B 344 -10.00 -13.28 28.69
CA PRO B 344 -10.53 -12.49 27.58
C PRO B 344 -10.99 -11.11 28.03
N PRO B 345 -11.16 -10.17 27.08
CA PRO B 345 -11.62 -8.82 27.44
C PRO B 345 -12.97 -8.99 28.13
N VAL B 346 -13.37 -8.01 28.95
CA VAL B 346 -14.64 -8.11 29.66
C VAL B 346 -15.81 -7.42 28.96
N TYR B 347 -16.77 -8.22 28.52
CA TYR B 347 -17.96 -7.70 27.85
C TYR B 347 -19.23 -7.97 28.65
N ARG B 348 -20.09 -6.97 28.74
CA ARG B 348 -21.36 -7.13 29.45
C ARG B 348 -22.20 -5.87 29.34
N ASP B 349 -23.51 -6.05 29.25
CA ASP B 349 -24.44 -4.94 29.15
C ASP B 349 -24.10 -3.95 28.03
N PHE B 350 -23.94 -4.50 26.83
CA PHE B 350 -23.68 -3.72 25.62
C PHE B 350 -22.32 -3.01 25.53
N HIS B 351 -21.45 -3.25 26.51
CA HIS B 351 -20.15 -2.59 26.50
C HIS B 351 -18.94 -3.50 26.74
N LEU B 352 -17.77 -2.95 26.44
CA LEU B 352 -16.49 -3.59 26.66
C LEU B 352 -15.96 -2.80 27.85
N HIS B 353 -15.60 -3.48 28.93
CA HIS B 353 -15.10 -2.79 30.13
C HIS B 353 -13.59 -2.94 30.25
N VAL B 354 -12.90 -1.81 30.20
CA VAL B 354 -11.44 -1.79 30.27
C VAL B 354 -10.91 -1.50 31.66
N SER B 355 -10.07 -2.39 32.16
CA SER B 355 -9.51 -2.25 33.50
C SER B 355 -8.42 -1.19 33.55
N LYS B 356 -7.89 -0.97 34.75
CA LYS B 356 -6.82 -0.01 34.95
C LYS B 356 -5.50 -0.73 35.21
N ALA B 357 -5.42 -1.98 34.78
CA ALA B 357 -4.20 -2.76 34.95
C ALA B 357 -3.12 -2.15 34.05
N PRO B 358 -1.83 -2.32 34.43
CA PRO B 358 -0.71 -1.78 33.66
C PRO B 358 -0.70 -2.24 32.20
N GLY B 359 -0.18 -1.38 31.32
CA GLY B 359 -0.13 -1.71 29.91
C GLY B 359 -1.49 -2.02 29.33
N LEU B 360 -1.56 -3.07 28.52
CA LEU B 360 -2.82 -3.48 27.91
C LEU B 360 -3.61 -4.34 28.91
N GLY B 361 -3.09 -4.45 30.13
CA GLY B 361 -3.76 -5.22 31.16
C GLY B 361 -4.10 -6.66 30.80
N LEU B 362 -3.19 -7.32 30.10
CA LEU B 362 -3.42 -8.69 29.70
C LEU B 362 -2.17 -9.54 29.84
N SER B 363 -2.34 -10.86 29.78
CA SER B 363 -1.21 -11.77 29.88
C SER B 363 -1.40 -12.92 28.91
N LEU B 364 -0.32 -13.36 28.29
CA LEU B 364 -0.38 -14.44 27.33
C LEU B 364 -0.70 -15.79 27.97
N ASP B 365 -1.40 -16.62 27.22
CA ASP B 365 -1.73 -17.97 27.65
C ASP B 365 -0.74 -18.81 26.84
N GLU B 366 0.49 -18.89 27.33
CA GLU B 366 1.56 -19.63 26.67
C GLU B 366 1.13 -20.97 26.09
N GLU B 367 0.21 -21.66 26.76
CA GLU B 367 -0.27 -22.94 26.28
C GLU B 367 -1.13 -22.81 25.02
N ARG B 368 -2.02 -21.82 25.00
CA ARG B 368 -2.87 -21.60 23.84
C ARG B 368 -2.04 -21.12 22.65
N LEU B 369 -1.07 -20.25 22.92
CA LEU B 369 -0.20 -19.73 21.88
C LEU B 369 0.57 -20.89 21.24
N ALA B 370 1.24 -21.67 22.09
CA ALA B 370 2.03 -22.80 21.62
C ALA B 370 1.19 -23.77 20.77
N PHE B 371 -0.09 -23.90 21.10
CA PHE B 371 -0.96 -24.81 20.38
C PHE B 371 -1.48 -24.29 19.04
N PHE B 372 -1.90 -23.03 19.01
CA PHE B 372 -2.45 -22.44 17.80
C PHE B 372 -1.44 -21.75 16.89
N ARG B 373 -0.24 -21.47 17.40
CA ARG B 373 0.76 -20.82 16.58
C ARG B 373 1.08 -21.69 15.37
N ARG B 374 1.33 -21.06 14.24
CA ARG B 374 1.62 -21.77 13.01
C ARG B 374 3.03 -22.36 13.01
C1 MUC C . 12.86 7.15 -8.85
O1 MUC C . 11.78 7.38 -8.27
O2 MUC C . 13.68 8.02 -9.20
C4 MUC C . 14.41 6.07 -11.42
C5 MUC C . 15.67 6.38 -11.65
C6 MUC C . 16.33 6.44 -10.49
O6 MUC C . 17.44 6.94 -10.37
O3 MUC C . 15.65 5.87 -9.45
C3 MUC C . 14.43 5.38 -10.05
C2 MUC C . 13.19 5.65 -9.13
MG MG D . 11.02 9.33 -8.90
C1 MUC E . -14.61 -3.81 7.87
O1 MUC E . -14.14 -3.25 6.85
O2 MUC E . -15.79 -3.72 8.25
C4 MUC E . -15.00 -4.63 10.96
C5 MUC E . -15.94 -5.45 11.41
C6 MUC E . -16.21 -6.34 10.46
O6 MUC E . -17.21 -7.07 10.47
O3 MUC E . -15.27 -6.38 9.46
C3 MUC E . -14.26 -5.46 9.91
C2 MUC E . -13.62 -4.66 8.72
MG MG F . -15.41 -1.57 6.74
#